data_8UY0
#
_entry.id   8UY0
#
_cell.length_a   1.00
_cell.length_b   1.00
_cell.length_c   1.00
_cell.angle_alpha   90.00
_cell.angle_beta   90.00
_cell.angle_gamma   90.00
#
_symmetry.space_group_name_H-M   'P 1'
#
loop_
_entity.id
_entity.type
_entity.pdbx_description
1 polymer consOR2
2 polymer 'Nanobody 35'
3 polymer miniGs399
4 polymer 'Guanine nucleotide-binding protein G(I)/G(S)/G(T) subunit beta-1'
5 polymer 'Guanine nucleotide-binding protein G(I)/G(S)/G(O) subunit gamma-2'
6 non-polymer (5S)-2-methyl-5-(prop-1-en-2-yl)cyclohex-2-en-1-one
#
loop_
_entity_poly.entity_id
_entity_poly.type
_entity_poly.pdbx_seq_one_letter_code
_entity_poly.pdbx_strand_id
1 'polypeptide(L)'
;DYKDDDDASIDMEENQTSSTDFILLGLFDHPRLELLLFVLILLIYLLALLGNGLIILLIHLDSRLHTPMYFFLSQLSLMD
LCYTSTTVPKMLVNLLSGDKTISFAGCGAQLFLYLTLGGTECLLLAVMAYDRYVAICHPLRYPVLMNPRVCLLLAAGSWL
LGSLDSLIHTVLTLSLPFCGSREINHFFCEVPALLKLACADTSLNETVMFVCCVLMLLIPLSLILVSYGRILLAVLRMQS
AEGRRKAFSTCSSHLTVVGLFYGAAIYMYLQPKSYHSPEQDKVVSLFYTILTPMLNPLIYSLRNKEVKGALRRVLGKCRS
L
;
A
2 'polypeptide(L)'
;QVQLQESGGGLVQPGGSLRLSCAASGFTFSNYKMNWVRQAPGKGLEWVSDISQSGASISYTGSVKGRFTISRDNAKNTLY
LQMNSLKPEDTAVYYCARCPAPFTRDCFDVTSTTYAYRGQGTQVTVSSLEVLFQGPGHHHHHHHH
;
N
3 'polypeptide(L)'
;GGSLEVLFQGPSGNSKTEDQRNEEKAQREANKKIEKQLQKDKQVYRATHRLLLLGADNSGKSTIVKQMRILHGGSGGSGG
TSGIFETKFQVDKVNFHMFDVGGQRDERRKWIQCFNDVTAIIFVVDSSDYNRLQEALNLFKSIWNNRWLRTISVILFLNK
QDLLAEKVLAGKSKIEDYFPEFARYTTPEDATPEPGEDPRVTRAKYFIRDEFLRISTASGDGRHYCYPHFTCAVDTENAR
RIFNDCRDIIQRMHLRQYELL
;
X
4 'polypeptide(L)'
;MHHHHHHLEVLFQGPEDQVDPRLIDGKGSSGSELDQLRQEAEQLKNQIRDARKACADATLSQITNNIDPVGRIQMRTRRT
LRGHLAKIYAMHWGTDSRLLVSASQDGKLIIWDSYTTNKVHAIPLRSSWVMTCAYAPSGNYVACGGLDNICSIYNLKTRE
GNVRVSRELAGHTGYLSCCRFLDDNQIVTSSGDTTCALWDIETGQQTTTFTGHTGDVMSLSLAPDTRLFVSGACDASAKL
WDVREGMCRQTFTGHESDINAICFFPNGNAFATGSDDATCRLFDLRADQELMTYSHDNIICGITSVSFSKSGRLLLAGYD
DFNCNVWDALKADRAGVLAGHDNRVSCLGVTDDGMAVATGSWDSFLKIWN
;
Y
5 'polypeptide(L)' MASNNTASIAQARKLVEQLKMEANIDRIKVSKAAADLMAYCEAHAKEDPLLTPVPASENPFREKKFFCAIL Z
#
# COMPACT_ATOMS: atom_id res chain seq x y z
N SER A 19 2.20 -52.96 46.01
CA SER A 19 2.52 -52.18 44.82
C SER A 19 1.54 -52.45 43.70
N THR A 20 1.15 -51.40 42.99
CA THR A 20 0.21 -51.48 41.88
C THR A 20 0.79 -50.87 40.62
N ASP A 21 2.04 -51.22 40.31
CA ASP A 21 2.72 -50.68 39.14
C ASP A 21 2.41 -51.54 37.91
N PHE A 22 2.85 -51.05 36.75
CA PHE A 22 2.65 -51.73 35.48
C PHE A 22 3.99 -51.88 34.77
N ILE A 23 4.06 -52.88 33.88
CA ILE A 23 5.26 -53.19 33.14
C ILE A 23 4.94 -53.12 31.65
N LEU A 24 5.75 -52.38 30.91
CA LEU A 24 5.59 -52.22 29.47
C LEU A 24 6.67 -52.99 28.74
N LEU A 25 6.27 -53.78 27.75
CA LEU A 25 7.21 -54.61 27.00
C LEU A 25 7.92 -53.87 25.88
N GLY A 26 7.50 -52.65 25.56
CA GLY A 26 8.13 -51.90 24.50
C GLY A 26 7.64 -52.32 23.12
N LEU A 27 8.19 -51.64 22.11
CA LEU A 27 7.75 -51.88 20.74
C LEU A 27 8.30 -53.20 20.21
N PHE A 28 9.57 -53.51 20.51
CA PHE A 28 10.22 -54.70 20.02
C PHE A 28 10.82 -55.50 21.17
N ASP A 29 11.08 -56.78 20.91
CA ASP A 29 11.68 -57.67 21.89
C ASP A 29 13.18 -57.86 21.68
N HIS A 30 13.62 -57.88 20.43
CA HIS A 30 15.03 -58.09 20.13
C HIS A 30 15.86 -56.90 20.59
N PRO A 31 16.91 -57.12 21.40
CA PRO A 31 17.74 -55.98 21.82
C PRO A 31 18.59 -55.40 20.71
N ARG A 32 18.89 -56.16 19.66
CA ARG A 32 19.72 -55.64 18.57
C ARG A 32 19.06 -54.50 17.82
N LEU A 33 17.72 -54.39 17.89
CA LEU A 33 17.01 -53.28 17.29
C LEU A 33 16.81 -52.12 18.25
N GLU A 34 17.32 -52.22 19.48
CA GLU A 34 17.09 -51.17 20.48
C GLU A 34 17.79 -49.88 20.09
N LEU A 35 19.05 -49.95 19.66
CA LEU A 35 19.83 -48.74 19.46
C LEU A 35 19.34 -47.94 18.26
N LEU A 36 19.31 -48.55 17.07
CA LEU A 36 19.00 -47.82 15.84
C LEU A 36 17.67 -47.11 15.97
N LEU A 37 16.58 -47.88 16.12
CA LEU A 37 15.27 -47.30 16.38
C LEU A 37 15.37 -46.12 17.33
N PHE A 38 16.02 -46.33 18.49
CA PHE A 38 16.16 -45.28 19.48
C PHE A 38 16.60 -43.97 18.83
N VAL A 39 17.80 -43.97 18.24
CA VAL A 39 18.32 -42.71 17.72
C VAL A 39 17.37 -42.15 16.66
N LEU A 40 16.84 -43.03 15.81
CA LEU A 40 15.89 -42.59 14.80
C LEU A 40 14.73 -41.88 15.46
N ILE A 41 14.09 -42.55 16.43
CA ILE A 41 12.99 -41.92 17.14
C ILE A 41 13.47 -40.62 17.79
N LEU A 42 14.64 -40.67 18.42
CA LEU A 42 15.20 -39.47 19.04
C LEU A 42 15.25 -38.34 18.02
N LEU A 43 15.83 -38.61 16.85
CA LEU A 43 15.89 -37.60 15.81
C LEU A 43 14.51 -37.04 15.54
N ILE A 44 13.54 -37.93 15.29
CA ILE A 44 12.16 -37.52 15.06
C ILE A 44 11.77 -36.43 16.05
N TYR A 45 11.88 -36.73 17.34
CA TYR A 45 11.36 -35.83 18.36
C TYR A 45 11.91 -34.43 18.14
N LEU A 46 13.23 -34.31 18.04
CA LEU A 46 13.83 -32.98 17.95
C LEU A 46 13.22 -32.20 16.81
N LEU A 47 13.17 -32.80 15.62
CA LEU A 47 12.67 -32.09 14.46
C LEU A 47 11.31 -31.49 14.76
N ALA A 48 10.38 -32.33 15.25
CA ALA A 48 9.03 -31.85 15.51
C ALA A 48 9.08 -30.60 16.37
N LEU A 49 9.78 -30.69 17.50
CA LEU A 49 9.89 -29.54 18.39
C LEU A 49 10.27 -28.30 17.60
N LEU A 50 11.44 -28.33 16.95
CA LEU A 50 11.90 -27.15 16.24
C LEU A 50 10.84 -26.65 15.29
N GLY A 51 10.33 -27.54 14.45
CA GLY A 51 9.34 -27.12 13.46
C GLY A 51 8.20 -26.37 14.11
N ASN A 52 7.57 -27.01 15.10
CA ASN A 52 6.43 -26.38 15.74
C ASN A 52 6.83 -25.03 16.30
N GLY A 53 7.91 -24.99 17.07
CA GLY A 53 8.32 -23.74 17.68
C GLY A 53 8.49 -22.65 16.65
N LEU A 54 9.15 -22.99 15.53
CA LEU A 54 9.42 -22.00 14.51
C LEU A 54 8.12 -21.31 14.08
N ILE A 55 7.11 -22.11 13.74
CA ILE A 55 5.91 -21.50 13.17
C ILE A 55 5.25 -20.58 14.19
N ILE A 56 5.30 -20.97 15.48
CA ILE A 56 4.66 -20.14 16.50
C ILE A 56 5.31 -18.77 16.51
N LEU A 57 6.64 -18.73 16.44
CA LEU A 57 7.33 -17.44 16.42
C LEU A 57 6.84 -16.60 15.24
N LEU A 58 6.74 -17.23 14.06
CA LEU A 58 6.41 -16.47 12.86
C LEU A 58 4.98 -15.93 12.93
N ILE A 59 4.18 -16.43 13.88
CA ILE A 59 2.83 -15.91 14.04
C ILE A 59 2.82 -14.80 15.07
N HIS A 60 3.66 -14.88 16.09
CA HIS A 60 3.59 -13.92 17.19
C HIS A 60 4.22 -12.58 16.80
N LEU A 61 5.26 -12.61 15.98
CA LEU A 61 6.00 -11.39 15.67
C LEU A 61 5.31 -10.58 14.58
N ASP A 62 5.16 -11.15 13.39
CA ASP A 62 4.61 -10.42 12.27
C ASP A 62 3.13 -10.13 12.48
N SER A 63 2.73 -8.89 12.20
CA SER A 63 1.34 -8.49 12.29
C SER A 63 0.59 -8.69 10.97
N ARG A 64 1.28 -9.05 9.90
CA ARG A 64 0.62 -9.33 8.63
C ARG A 64 -0.25 -10.59 8.72
N LEU A 65 0.19 -11.57 9.51
CA LEU A 65 -0.47 -12.87 9.59
C LEU A 65 -1.52 -12.95 10.70
N HIS A 66 -2.15 -11.83 11.05
CA HIS A 66 -3.18 -11.82 12.09
C HIS A 66 -4.54 -12.05 11.44
N THR A 67 -4.78 -13.30 11.09
CA THR A 67 -6.02 -13.75 10.47
C THR A 67 -6.46 -15.03 11.16
N PRO A 68 -7.76 -15.37 11.10
CA PRO A 68 -8.23 -16.59 11.76
C PRO A 68 -7.53 -17.85 11.29
N MET A 69 -7.15 -17.93 10.01
CA MET A 69 -6.44 -19.10 9.50
C MET A 69 -5.18 -19.37 10.29
N TYR A 70 -4.36 -18.33 10.49
CA TYR A 70 -3.12 -18.51 11.24
C TYR A 70 -3.35 -18.66 12.73
N PHE A 71 -4.46 -18.13 13.25
CA PHE A 71 -4.85 -18.44 14.62
C PHE A 71 -5.08 -19.93 14.81
N PHE A 72 -5.84 -20.53 13.90
CA PHE A 72 -6.07 -21.97 13.95
C PHE A 72 -4.78 -22.75 13.75
N LEU A 73 -3.90 -22.27 12.86
CA LEU A 73 -2.62 -22.94 12.64
C LEU A 73 -1.76 -22.92 13.90
N SER A 74 -1.72 -21.78 14.61
CA SER A 74 -0.97 -21.70 15.86
C SER A 74 -1.56 -22.63 16.91
N GLN A 75 -2.89 -22.68 17.01
CA GLN A 75 -3.52 -23.61 17.94
C GLN A 75 -3.12 -25.05 17.63
N LEU A 76 -3.16 -25.43 16.34
CA LEU A 76 -2.78 -26.78 15.94
C LEU A 76 -1.33 -27.08 16.29
N SER A 77 -0.43 -26.11 16.06
CA SER A 77 0.98 -26.33 16.38
C SER A 77 1.20 -26.52 17.88
N LEU A 78 0.52 -25.72 18.70
CA LEU A 78 0.65 -25.89 20.15
C LEU A 78 0.11 -27.25 20.59
N MET A 79 -1.02 -27.66 20.01
CA MET A 79 -1.60 -28.96 20.35
C MET A 79 -0.65 -30.08 19.98
N ASP A 80 0.00 -29.98 18.81
CA ASP A 80 0.95 -30.98 18.38
C ASP A 80 2.16 -31.02 19.30
N LEU A 81 2.65 -29.85 19.71
CA LEU A 81 3.75 -29.80 20.68
C LEU A 81 3.39 -30.56 21.95
N CYS A 82 2.23 -30.26 22.52
CA CYS A 82 1.81 -30.94 23.74
C CYS A 82 1.66 -32.43 23.53
N TYR A 83 1.09 -32.84 22.40
CA TYR A 83 0.86 -34.25 22.13
C TYR A 83 2.16 -35.02 22.01
N THR A 84 3.13 -34.49 21.26
CA THR A 84 4.41 -35.15 21.11
C THR A 84 5.17 -35.20 22.43
N SER A 85 5.19 -34.09 23.17
CA SER A 85 5.88 -34.08 24.45
C SER A 85 5.22 -35.01 25.45
N THR A 86 3.93 -35.30 25.30
CA THR A 86 3.28 -36.29 26.15
C THR A 86 3.66 -37.71 25.75
N THR A 87 3.71 -37.99 24.44
CA THR A 87 3.82 -39.38 24.03
C THR A 87 5.26 -39.89 23.90
N VAL A 88 6.17 -39.08 23.37
CA VAL A 88 7.48 -39.58 22.95
C VAL A 88 8.46 -39.82 24.10
N PRO A 89 8.78 -38.83 24.95
CA PRO A 89 9.99 -38.95 25.78
C PRO A 89 10.01 -40.14 26.73
N LYS A 90 8.85 -40.60 27.20
CA LYS A 90 8.83 -41.67 28.19
C LYS A 90 9.41 -42.96 27.64
N MET A 91 9.04 -43.31 26.40
CA MET A 91 9.57 -44.52 25.78
C MET A 91 11.08 -44.43 25.60
N LEU A 92 11.58 -43.27 25.16
CA LEU A 92 13.01 -43.11 24.99
C LEU A 92 13.75 -43.24 26.31
N VAL A 93 13.19 -42.65 27.38
CA VAL A 93 13.83 -42.74 28.68
C VAL A 93 13.87 -44.19 29.16
N ASN A 94 12.75 -44.91 29.02
CA ASN A 94 12.71 -46.31 29.43
C ASN A 94 13.70 -47.15 28.64
N LEU A 95 13.80 -46.93 27.33
CA LEU A 95 14.72 -47.70 26.52
C LEU A 95 16.17 -47.39 26.87
N LEU A 96 16.49 -46.12 27.12
CA LEU A 96 17.86 -45.76 27.45
C LEU A 96 18.27 -46.31 28.81
N SER A 97 17.44 -46.11 29.83
CA SER A 97 17.78 -46.58 31.17
C SER A 97 17.61 -48.08 31.34
N GLY A 98 16.86 -48.73 30.45
CA GLY A 98 16.59 -50.15 30.56
C GLY A 98 15.41 -50.52 31.44
N ASP A 99 14.83 -49.54 32.14
CA ASP A 99 13.66 -49.81 32.97
C ASP A 99 12.43 -50.02 32.08
N LYS A 100 11.52 -50.89 32.55
CA LYS A 100 10.29 -51.18 31.83
C LYS A 100 9.06 -51.06 32.72
N THR A 101 9.16 -50.36 33.85
CA THR A 101 8.05 -50.24 34.78
C THR A 101 7.48 -48.83 34.75
N ILE A 102 6.18 -48.72 35.07
CA ILE A 102 5.50 -47.44 35.16
C ILE A 102 4.45 -47.53 36.26
N SER A 103 4.25 -46.43 36.97
CA SER A 103 3.30 -46.42 38.08
C SER A 103 1.88 -46.22 37.57
N PHE A 104 0.92 -46.39 38.49
CA PHE A 104 -0.49 -46.23 38.15
C PHE A 104 -0.82 -44.79 37.77
N ALA A 105 -0.29 -43.82 38.53
CA ALA A 105 -0.58 -42.42 38.26
C ALA A 105 -0.02 -41.98 36.92
N GLY A 106 1.18 -42.45 36.58
CA GLY A 106 1.75 -42.10 35.28
C GLY A 106 0.91 -42.60 34.12
N CYS A 107 0.45 -43.86 34.21
CA CYS A 107 -0.42 -44.41 33.17
C CYS A 107 -1.71 -43.62 33.08
N GLY A 108 -2.32 -43.28 34.22
CA GLY A 108 -3.54 -42.51 34.19
C GLY A 108 -3.37 -41.14 33.56
N ALA A 109 -2.32 -40.42 33.96
CA ALA A 109 -2.08 -39.08 33.42
C ALA A 109 -1.77 -39.14 31.92
N GLN A 110 -1.00 -40.14 31.49
CA GLN A 110 -0.70 -40.28 30.07
C GLN A 110 -1.97 -40.55 29.27
N LEU A 111 -2.84 -41.42 29.79
CA LEU A 111 -4.11 -41.70 29.13
C LEU A 111 -4.96 -40.44 29.03
N PHE A 112 -5.05 -39.67 30.12
CA PHE A 112 -5.87 -38.47 30.13
C PHE A 112 -5.38 -37.46 29.11
N LEU A 113 -4.08 -37.15 29.12
CA LEU A 113 -3.53 -36.18 28.18
C LEU A 113 -3.67 -36.66 26.74
N TYR A 114 -3.39 -37.94 26.50
CA TYR A 114 -3.53 -38.54 25.18
C TYR A 114 -4.94 -38.32 24.63
N LEU A 115 -5.95 -38.70 25.40
CA LEU A 115 -7.32 -38.59 24.92
C LEU A 115 -7.73 -37.14 24.71
N THR A 116 -7.38 -36.26 25.66
CA THR A 116 -7.76 -34.86 25.54
C THR A 116 -7.19 -34.26 24.26
N LEU A 117 -5.89 -34.43 24.02
CA LEU A 117 -5.26 -33.82 22.87
C LEU A 117 -5.75 -34.44 21.56
N GLY A 118 -5.97 -35.75 21.54
CA GLY A 118 -6.49 -36.39 20.34
C GLY A 118 -7.86 -35.87 19.96
N GLY A 119 -8.78 -35.81 20.92
CA GLY A 119 -10.11 -35.30 20.62
C GLY A 119 -10.09 -33.85 20.21
N THR A 120 -9.25 -33.04 20.86
CA THR A 120 -9.19 -31.62 20.53
C THR A 120 -8.68 -31.41 19.10
N GLU A 121 -7.65 -32.17 18.70
CA GLU A 121 -7.17 -32.08 17.31
C GLU A 121 -8.24 -32.53 16.33
N CYS A 122 -8.95 -33.62 16.65
CA CYS A 122 -9.99 -34.12 15.76
C CYS A 122 -11.07 -33.08 15.52
N LEU A 123 -11.43 -32.32 16.56
CA LEU A 123 -12.43 -31.27 16.37
C LEU A 123 -11.85 -30.05 15.65
N LEU A 124 -10.59 -29.71 15.94
CA LEU A 124 -9.99 -28.53 15.32
C LEU A 124 -9.87 -28.68 13.81
N LEU A 125 -9.62 -29.91 13.33
CA LEU A 125 -9.54 -30.10 11.88
C LEU A 125 -10.85 -29.75 11.20
N ALA A 126 -11.98 -30.21 11.76
CA ALA A 126 -13.28 -29.87 11.19
C ALA A 126 -13.58 -28.39 11.28
N VAL A 127 -13.17 -27.75 12.39
CA VAL A 127 -13.37 -26.30 12.52
C VAL A 127 -12.62 -25.57 11.41
N MET A 128 -11.38 -25.97 11.15
CA MET A 128 -10.61 -25.35 10.08
C MET A 128 -11.26 -25.57 8.71
N ALA A 129 -11.79 -26.78 8.48
CA ALA A 129 -12.45 -27.05 7.20
C ALA A 129 -13.67 -26.14 7.02
N TYR A 130 -14.48 -25.98 8.06
CA TYR A 130 -15.64 -25.10 7.97
C TYR A 130 -15.22 -23.66 7.71
N ASP A 131 -14.15 -23.21 8.37
CA ASP A 131 -13.66 -21.85 8.12
C ASP A 131 -13.23 -21.67 6.66
N ARG A 132 -12.53 -22.67 6.12
CA ARG A 132 -12.12 -22.59 4.71
C ARG A 132 -13.33 -22.53 3.78
N TYR A 133 -14.34 -23.35 4.05
CA TYR A 133 -15.54 -23.35 3.20
C TYR A 133 -16.23 -21.99 3.23
N VAL A 134 -16.36 -21.41 4.43
CA VAL A 134 -17.00 -20.10 4.54
C VAL A 134 -16.18 -19.03 3.82
N ALA A 135 -14.85 -19.10 3.95
CA ALA A 135 -13.99 -18.10 3.32
C ALA A 135 -14.09 -18.15 1.80
N ILE A 136 -14.15 -19.35 1.23
CA ILE A 136 -14.10 -19.46 -0.23
C ILE A 136 -15.47 -19.32 -0.86
N CYS A 137 -16.52 -19.95 -0.31
CA CYS A 137 -17.81 -19.97 -0.97
C CYS A 137 -18.72 -18.81 -0.61
N HIS A 138 -18.33 -17.97 0.35
CA HIS A 138 -19.09 -16.76 0.70
C HIS A 138 -18.11 -15.61 0.87
N PRO A 139 -17.51 -15.14 -0.23
CA PRO A 139 -16.42 -14.15 -0.10
C PRO A 139 -16.85 -12.82 0.49
N LEU A 140 -18.08 -12.38 0.28
CA LEU A 140 -18.49 -11.05 0.70
C LEU A 140 -18.96 -11.00 2.15
N ARG A 141 -19.62 -12.05 2.63
CA ARG A 141 -20.09 -12.10 4.01
C ARG A 141 -19.05 -12.65 4.98
N TYR A 142 -17.87 -12.98 4.46
CA TYR A 142 -16.80 -13.60 5.29
C TYR A 142 -16.54 -12.83 6.59
N PRO A 143 -16.16 -11.53 6.62
CA PRO A 143 -15.84 -10.84 7.88
C PRO A 143 -17.00 -10.93 8.89
N VAL A 144 -18.23 -10.72 8.43
CA VAL A 144 -19.42 -10.75 9.32
C VAL A 144 -19.53 -12.14 9.96
N LEU A 145 -19.24 -13.21 9.21
CA LEU A 145 -19.40 -14.55 9.74
C LEU A 145 -18.22 -15.01 10.59
N MET A 146 -17.05 -14.37 10.44
CA MET A 146 -15.87 -14.80 11.18
C MET A 146 -15.30 -13.70 12.06
N ASN A 147 -16.15 -13.03 12.82
CA ASN A 147 -15.67 -12.08 13.82
C ASN A 147 -14.97 -12.86 14.94
N PRO A 148 -14.06 -12.21 15.67
CA PRO A 148 -13.23 -12.95 16.64
C PRO A 148 -14.02 -13.69 17.71
N ARG A 149 -15.21 -13.20 18.08
CA ARG A 149 -16.01 -13.90 19.07
C ARG A 149 -16.31 -15.33 18.65
N VAL A 150 -16.66 -15.53 17.38
CA VAL A 150 -16.96 -16.86 16.89
C VAL A 150 -15.73 -17.76 16.98
N CYS A 151 -14.56 -17.23 16.64
CA CYS A 151 -13.33 -18.01 16.72
C CYS A 151 -13.05 -18.44 18.15
N LEU A 152 -13.15 -17.51 19.11
CA LEU A 152 -12.90 -17.87 20.50
C LEU A 152 -13.91 -18.89 21.01
N LEU A 153 -15.19 -18.73 20.66
CA LEU A 153 -16.18 -19.71 21.09
C LEU A 153 -15.92 -21.08 20.48
N LEU A 154 -15.52 -21.13 19.21
CA LEU A 154 -15.21 -22.41 18.59
C LEU A 154 -14.05 -23.10 19.29
N ALA A 155 -12.98 -22.35 19.56
CA ALA A 155 -11.82 -22.94 20.23
C ALA A 155 -12.18 -23.42 21.64
N ALA A 156 -12.93 -22.61 22.38
CA ALA A 156 -13.32 -22.99 23.73
C ALA A 156 -14.21 -24.24 23.71
N GLY A 157 -15.15 -24.31 22.77
CA GLY A 157 -15.99 -25.49 22.67
C GLY A 157 -15.21 -26.74 22.33
N SER A 158 -14.25 -26.64 21.40
CA SER A 158 -13.42 -27.79 21.08
C SER A 158 -12.66 -28.27 22.30
N TRP A 159 -12.01 -27.34 23.02
CA TRP A 159 -11.25 -27.72 24.20
C TRP A 159 -12.15 -28.36 25.26
N LEU A 160 -13.33 -27.76 25.49
CA LEU A 160 -14.22 -28.28 26.52
C LEU A 160 -14.72 -29.67 26.18
N LEU A 161 -15.11 -29.89 24.92
CA LEU A 161 -15.58 -31.22 24.51
C LEU A 161 -14.47 -32.25 24.65
N GLY A 162 -13.25 -31.90 24.22
CA GLY A 162 -12.14 -32.82 24.36
C GLY A 162 -11.88 -33.20 25.80
N SER A 163 -11.83 -32.19 26.69
CA SER A 163 -11.60 -32.47 28.10
C SER A 163 -12.72 -33.31 28.68
N LEU A 164 -13.97 -33.05 28.27
CA LEU A 164 -15.10 -33.80 28.80
C LEU A 164 -15.01 -35.27 28.44
N ASP A 165 -14.79 -35.58 27.16
CA ASP A 165 -14.77 -37.00 26.79
C ASP A 165 -13.54 -37.69 27.38
N SER A 166 -12.41 -36.98 27.46
CA SER A 166 -11.22 -37.58 28.06
C SER A 166 -11.45 -37.90 29.53
N LEU A 167 -12.07 -36.98 30.27
CA LEU A 167 -12.36 -37.24 31.68
C LEU A 167 -13.32 -38.40 31.84
N ILE A 168 -14.37 -38.45 31.01
CA ILE A 168 -15.33 -39.55 31.10
C ILE A 168 -14.63 -40.89 30.87
N HIS A 169 -13.80 -40.96 29.82
CA HIS A 169 -13.11 -42.21 29.53
C HIS A 169 -12.16 -42.61 30.64
N THR A 170 -11.37 -41.65 31.15
CA THR A 170 -10.41 -41.98 32.20
C THR A 170 -11.11 -42.48 33.46
N VAL A 171 -12.16 -41.77 33.88
CA VAL A 171 -12.86 -42.16 35.11
C VAL A 171 -13.54 -43.52 34.93
N LEU A 172 -14.23 -43.72 33.80
CA LEU A 172 -14.96 -44.96 33.61
C LEU A 172 -14.02 -46.13 33.34
N THR A 173 -12.78 -45.85 32.94
CA THR A 173 -11.84 -46.92 32.64
C THR A 173 -11.06 -47.35 33.89
N LEU A 174 -10.52 -46.39 34.65
CA LEU A 174 -9.62 -46.74 35.74
C LEU A 174 -10.33 -47.34 36.94
N SER A 175 -11.67 -47.34 36.96
CA SER A 175 -12.39 -47.85 38.12
C SER A 175 -12.30 -49.37 38.23
N LEU A 176 -12.39 -50.07 37.10
CA LEU A 176 -12.48 -51.53 37.14
C LEU A 176 -11.15 -52.14 37.59
N PRO A 177 -11.18 -53.25 38.31
CA PRO A 177 -9.94 -53.90 38.74
C PRO A 177 -9.28 -54.66 37.59
N PHE A 178 -8.03 -55.04 37.82
CA PHE A 178 -7.24 -55.76 36.85
C PHE A 178 -6.92 -57.16 37.36
N CYS A 179 -7.10 -58.15 36.50
CA CYS A 179 -6.90 -59.55 36.86
C CYS A 179 -5.61 -60.07 36.24
N GLY A 180 -5.02 -61.07 36.90
CA GLY A 180 -3.83 -61.71 36.36
C GLY A 180 -2.60 -60.80 36.44
N SER A 181 -1.70 -60.99 35.50
CA SER A 181 -0.47 -60.23 35.47
C SER A 181 -0.72 -58.77 35.08
N ARG A 182 0.22 -57.92 35.46
CA ARG A 182 0.17 -56.49 35.15
C ARG A 182 1.06 -56.15 33.96
N GLU A 183 1.12 -57.06 33.00
CA GLU A 183 2.00 -56.93 31.83
C GLU A 183 1.17 -56.46 30.63
N ILE A 184 1.60 -55.36 30.02
CA ILE A 184 0.87 -54.73 28.93
C ILE A 184 1.66 -54.92 27.64
N ASN A 185 0.98 -55.35 26.58
CA ASN A 185 1.60 -55.57 25.28
C ASN A 185 1.54 -54.30 24.43
N HIS A 186 2.17 -53.24 24.93
CA HIS A 186 2.23 -51.97 24.22
C HIS A 186 3.41 -51.18 24.77
N PHE A 187 3.81 -50.14 24.01
CA PHE A 187 4.94 -49.32 24.39
C PHE A 187 4.54 -48.08 25.18
N PHE A 188 3.24 -47.85 25.40
CA PHE A 188 2.79 -46.76 26.25
C PHE A 188 1.35 -47.04 26.67
N CYS A 189 0.88 -46.25 27.63
CA CYS A 189 -0.41 -46.47 28.27
C CYS A 189 -1.58 -46.20 27.33
N GLU A 190 -2.19 -47.24 26.79
CA GLU A 190 -3.34 -47.12 25.91
C GLU A 190 -4.60 -47.71 26.55
N VAL A 191 -5.74 -47.38 25.95
CA VAL A 191 -7.05 -47.84 26.41
C VAL A 191 -7.33 -49.27 25.96
N PRO A 192 -7.17 -49.63 24.67
CA PRO A 192 -7.46 -51.02 24.28
C PRO A 192 -6.59 -52.05 24.98
N ALA A 193 -5.34 -51.71 25.27
CA ALA A 193 -4.48 -52.64 26.00
C ALA A 193 -4.93 -52.82 27.43
N LEU A 194 -5.41 -51.74 28.07
CA LEU A 194 -5.84 -51.83 29.46
C LEU A 194 -7.17 -52.57 29.59
N LEU A 195 -8.09 -52.37 28.63
CA LEU A 195 -9.41 -52.96 28.77
C LEU A 195 -9.38 -54.49 28.71
N LYS A 196 -8.40 -55.06 28.01
CA LYS A 196 -8.38 -56.52 27.87
C LYS A 196 -7.98 -57.22 29.16
N LEU A 197 -7.36 -56.51 30.10
CA LEU A 197 -6.99 -57.10 31.38
C LEU A 197 -8.05 -56.91 32.46
N ALA A 198 -9.17 -56.25 32.14
CA ALA A 198 -10.18 -55.95 33.15
C ALA A 198 -10.85 -57.22 33.66
N CYS A 199 -11.15 -57.24 34.96
CA CYS A 199 -11.81 -58.39 35.57
C CYS A 199 -13.29 -58.45 35.19
N ALA A 200 -13.97 -57.32 35.22
CA ALA A 200 -15.41 -57.29 35.03
C ALA A 200 -15.79 -57.24 33.55
N ASP A 201 -17.09 -57.17 33.30
CA ASP A 201 -17.60 -57.13 31.93
C ASP A 201 -17.23 -55.81 31.27
N THR A 202 -16.85 -55.88 29.99
CA THR A 202 -16.50 -54.70 29.22
C THR A 202 -17.56 -54.35 28.18
N SER A 203 -18.77 -54.91 28.28
CA SER A 203 -19.82 -54.61 27.32
C SER A 203 -20.18 -53.13 27.35
N LEU A 204 -20.40 -52.59 28.55
CA LEU A 204 -20.65 -51.16 28.69
C LEU A 204 -19.42 -50.36 28.27
N ASN A 205 -18.23 -50.86 28.60
CA ASN A 205 -17.00 -50.22 28.14
C ASN A 205 -16.96 -50.15 26.62
N GLU A 206 -17.26 -51.26 25.96
CA GLU A 206 -17.24 -51.29 24.50
C GLU A 206 -18.29 -50.35 23.91
N THR A 207 -19.49 -50.31 24.49
CA THR A 207 -20.54 -49.44 23.97
C THR A 207 -20.14 -47.97 24.09
N VAL A 208 -19.65 -47.57 25.27
CA VAL A 208 -19.25 -46.17 25.47
C VAL A 208 -18.10 -45.81 24.54
N MET A 209 -17.11 -46.71 24.41
CA MET A 209 -15.97 -46.43 23.56
C MET A 209 -16.39 -46.31 22.10
N PHE A 210 -17.31 -47.17 21.66
CA PHE A 210 -17.80 -47.11 20.29
C PHE A 210 -18.55 -45.82 20.02
N VAL A 211 -19.41 -45.40 20.95
CA VAL A 211 -20.15 -44.16 20.77
C VAL A 211 -19.18 -42.98 20.68
N CYS A 212 -18.19 -42.94 21.58
CA CYS A 212 -17.22 -41.85 21.53
C CYS A 212 -16.43 -41.88 20.23
N CYS A 213 -16.03 -43.08 19.77
CA CYS A 213 -15.26 -43.19 18.54
C CYS A 213 -16.06 -42.67 17.35
N VAL A 214 -17.31 -43.13 17.21
CA VAL A 214 -18.10 -42.70 16.04
C VAL A 214 -18.32 -41.20 16.08
N LEU A 215 -18.69 -40.66 17.25
CA LEU A 215 -18.98 -39.23 17.35
C LEU A 215 -17.75 -38.39 17.08
N MET A 216 -16.57 -38.82 17.57
CA MET A 216 -15.37 -38.00 17.43
C MET A 216 -14.62 -38.26 16.13
N LEU A 217 -14.99 -39.28 15.35
CA LEU A 217 -14.26 -39.60 14.13
C LEU A 217 -15.08 -39.43 12.86
N LEU A 218 -16.28 -40.04 12.79
CA LEU A 218 -16.93 -40.18 11.49
C LEU A 218 -17.43 -38.84 10.95
N ILE A 219 -18.01 -38.01 11.82
CA ILE A 219 -18.57 -36.73 11.34
C ILE A 219 -17.51 -35.79 10.80
N PRO A 220 -16.37 -35.54 11.49
CA PRO A 220 -15.39 -34.59 10.93
C PRO A 220 -14.85 -35.01 9.58
N LEU A 221 -14.67 -36.31 9.34
CA LEU A 221 -14.19 -36.76 8.04
C LEU A 221 -15.19 -36.42 6.95
N SER A 222 -16.49 -36.66 7.20
CA SER A 222 -17.51 -36.31 6.22
C SER A 222 -17.55 -34.82 5.96
N LEU A 223 -17.45 -34.01 7.03
CA LEU A 223 -17.47 -32.56 6.84
C LEU A 223 -16.29 -32.09 6.01
N ILE A 224 -15.09 -32.62 6.29
CA ILE A 224 -13.91 -32.23 5.53
C ILE A 224 -14.04 -32.63 4.07
N LEU A 225 -14.53 -33.84 3.82
CA LEU A 225 -14.69 -34.29 2.44
C LEU A 225 -15.69 -33.44 1.68
N VAL A 226 -16.82 -33.11 2.31
CA VAL A 226 -17.82 -32.27 1.64
C VAL A 226 -17.25 -30.89 1.36
N SER A 227 -16.53 -30.31 2.32
CA SER A 227 -15.95 -28.99 2.10
C SER A 227 -14.96 -29.00 0.96
N TYR A 228 -14.10 -30.03 0.89
CA TYR A 228 -13.15 -30.12 -0.21
C TYR A 228 -13.85 -30.30 -1.54
N GLY A 229 -14.89 -31.14 -1.58
CA GLY A 229 -15.63 -31.31 -2.82
C GLY A 229 -16.23 -30.02 -3.32
N ARG A 230 -16.84 -29.25 -2.41
CA ARG A 230 -17.41 -27.96 -2.80
C ARG A 230 -16.33 -26.99 -3.27
N ILE A 231 -15.18 -26.99 -2.58
CA ILE A 231 -14.10 -26.06 -2.95
C ILE A 231 -13.59 -26.38 -4.36
N LEU A 232 -13.34 -27.65 -4.65
CA LEU A 232 -12.89 -28.00 -6.00
C LEU A 232 -13.96 -27.77 -7.04
N LEU A 233 -15.24 -27.97 -6.72
CA LEU A 233 -16.29 -27.65 -7.68
C LEU A 233 -16.29 -26.16 -8.01
N ALA A 234 -16.20 -25.31 -6.99
CA ALA A 234 -16.18 -23.87 -7.21
C ALA A 234 -14.95 -23.45 -8.01
N VAL A 235 -13.80 -24.09 -7.75
CA VAL A 235 -12.60 -23.79 -8.52
C VAL A 235 -12.75 -24.23 -9.97
N LEU A 236 -13.43 -25.36 -10.19
CA LEU A 236 -13.68 -25.82 -11.55
C LEU A 236 -14.57 -24.85 -12.31
N ARG A 237 -15.57 -24.28 -11.63
CA ARG A 237 -16.46 -23.33 -12.30
C ARG A 237 -15.76 -22.03 -12.67
N MET A 238 -14.54 -21.79 -12.18
CA MET A 238 -13.80 -20.59 -12.52
C MET A 238 -13.45 -20.56 -14.01
N GLU A 242 -3.19 -23.14 -15.68
CA GLU A 242 -2.32 -23.61 -14.61
C GLU A 242 -2.99 -23.41 -13.24
N GLY A 243 -4.15 -22.76 -13.23
CA GLY A 243 -4.85 -22.55 -11.99
C GLY A 243 -5.37 -23.83 -11.36
N ARG A 244 -5.88 -24.74 -12.19
CA ARG A 244 -6.46 -25.98 -11.66
C ARG A 244 -5.39 -26.88 -11.04
N ARG A 245 -4.20 -26.92 -11.65
CA ARG A 245 -3.18 -27.87 -11.22
C ARG A 245 -2.67 -27.56 -9.82
N LYS A 246 -2.47 -26.28 -9.51
CA LYS A 246 -2.03 -25.90 -8.17
C LYS A 246 -3.06 -26.27 -7.11
N ALA A 247 -4.34 -26.01 -7.40
CA ALA A 247 -5.39 -26.38 -6.46
C ALA A 247 -5.44 -27.89 -6.25
N PHE A 248 -5.33 -28.66 -7.33
CA PHE A 248 -5.33 -30.12 -7.20
C PHE A 248 -4.15 -30.61 -6.39
N SER A 249 -2.95 -30.06 -6.63
CA SER A 249 -1.78 -30.48 -5.87
C SER A 249 -1.92 -30.16 -4.39
N THR A 250 -2.37 -28.95 -4.07
CA THR A 250 -2.52 -28.58 -2.66
C THR A 250 -3.57 -29.43 -1.97
N CYS A 251 -4.71 -29.67 -2.63
CA CYS A 251 -5.75 -30.49 -2.02
C CYS A 251 -5.31 -31.93 -1.84
N SER A 252 -4.58 -32.49 -2.80
CA SER A 252 -4.05 -33.84 -2.64
C SER A 252 -3.05 -33.91 -1.49
N SER A 253 -2.19 -32.91 -1.37
CA SER A 253 -1.21 -32.90 -0.27
C SER A 253 -1.90 -32.82 1.09
N HIS A 254 -2.96 -32.02 1.21
CA HIS A 254 -3.69 -31.95 2.48
C HIS A 254 -4.43 -33.25 2.76
N LEU A 255 -5.11 -33.79 1.74
CA LEU A 255 -5.90 -35.01 1.90
C LEU A 255 -5.04 -36.22 2.24
N THR A 256 -3.79 -36.27 1.77
CA THR A 256 -2.91 -37.37 2.16
C THR A 256 -2.77 -37.44 3.68
N VAL A 257 -2.40 -36.32 4.30
CA VAL A 257 -2.20 -36.29 5.75
C VAL A 257 -3.51 -36.54 6.48
N VAL A 258 -4.60 -35.91 6.02
CA VAL A 258 -5.89 -36.09 6.70
C VAL A 258 -6.31 -37.55 6.65
N GLY A 259 -6.21 -38.18 5.47
CA GLY A 259 -6.59 -39.56 5.33
C GLY A 259 -5.73 -40.50 6.15
N LEU A 260 -4.41 -40.26 6.18
CA LEU A 260 -3.56 -41.09 7.02
C LEU A 260 -3.95 -40.99 8.49
N PHE A 261 -4.07 -39.77 9.00
CA PHE A 261 -4.37 -39.56 10.42
C PHE A 261 -5.70 -40.21 10.80
N TYR A 262 -6.73 -40.02 9.98
CA TYR A 262 -8.02 -40.59 10.34
C TYR A 262 -8.09 -42.10 10.09
N GLY A 263 -7.47 -42.59 9.02
CA GLY A 263 -7.54 -44.01 8.71
C GLY A 263 -6.83 -44.87 9.73
N ALA A 264 -5.68 -44.41 10.24
CA ALA A 264 -4.99 -45.20 11.25
C ALA A 264 -5.87 -45.37 12.50
N ALA A 265 -6.46 -44.28 12.98
CA ALA A 265 -7.32 -44.35 14.17
C ALA A 265 -8.56 -45.18 13.91
N ILE A 266 -9.16 -45.05 12.72
CA ILE A 266 -10.36 -45.81 12.40
C ILE A 266 -10.04 -47.31 12.36
N TYR A 267 -8.91 -47.67 11.76
CA TYR A 267 -8.51 -49.08 11.74
C TYR A 267 -8.26 -49.59 13.15
N MET A 268 -7.63 -48.77 14.00
CA MET A 268 -7.31 -49.21 15.35
C MET A 268 -8.57 -49.41 16.19
N TYR A 269 -9.33 -48.33 16.43
CA TYR A 269 -10.36 -48.37 17.45
C TYR A 269 -11.65 -49.02 16.98
N LEU A 270 -11.86 -49.13 15.66
CA LEU A 270 -13.10 -49.68 15.13
C LEU A 270 -12.94 -51.05 14.50
N GLN A 271 -11.82 -51.74 14.77
CA GLN A 271 -11.64 -53.08 14.23
C GLN A 271 -12.60 -54.05 14.90
N PRO A 272 -13.13 -55.03 14.17
CA PRO A 272 -14.12 -55.95 14.75
C PRO A 272 -13.46 -57.19 15.33
N LYS A 273 -13.92 -57.58 16.53
CA LYS A 273 -13.55 -58.81 17.21
C LYS A 273 -12.07 -58.88 17.58
N SER A 274 -11.31 -57.82 17.33
CA SER A 274 -9.87 -57.79 17.61
C SER A 274 -9.16 -58.96 16.95
N TYR A 275 -9.55 -59.26 15.71
CA TYR A 275 -9.01 -60.41 15.00
C TYR A 275 -7.52 -60.22 14.69
N HIS A 276 -7.12 -59.01 14.35
CA HIS A 276 -5.74 -58.77 13.91
C HIS A 276 -4.77 -58.88 15.08
N SER A 277 -3.61 -59.46 14.82
CA SER A 277 -2.60 -59.61 15.85
C SER A 277 -2.04 -58.24 16.25
N PRO A 278 -1.68 -58.08 17.53
CA PRO A 278 -1.12 -56.79 17.97
C PRO A 278 0.23 -56.45 17.35
N GLU A 279 0.91 -57.42 16.74
CA GLU A 279 2.25 -57.16 16.20
C GLU A 279 2.23 -56.06 15.16
N GLN A 280 1.24 -56.09 14.25
CA GLN A 280 1.06 -54.98 13.31
C GLN A 280 0.24 -53.85 13.90
N ASP A 281 -0.54 -54.11 14.95
CA ASP A 281 -1.29 -53.05 15.59
C ASP A 281 -0.37 -52.01 16.22
N LYS A 282 0.79 -52.45 16.73
CA LYS A 282 1.74 -51.48 17.30
C LYS A 282 2.20 -50.48 16.25
N VAL A 283 2.58 -50.94 15.06
CA VAL A 283 3.03 -50.02 14.03
C VAL A 283 1.87 -49.21 13.47
N VAL A 284 0.67 -49.79 13.44
CA VAL A 284 -0.50 -49.02 13.03
C VAL A 284 -0.73 -47.85 13.97
N SER A 285 -0.59 -48.08 15.28
CA SER A 285 -0.69 -46.98 16.23
C SER A 285 0.47 -45.99 16.05
N LEU A 286 1.67 -46.51 15.79
CA LEU A 286 2.82 -45.64 15.59
C LEU A 286 2.62 -44.69 14.41
N PHE A 287 1.89 -45.13 13.39
CA PHE A 287 1.70 -44.31 12.21
C PHE A 287 0.94 -43.03 12.52
N TYR A 288 0.00 -43.07 13.46
CA TYR A 288 -0.76 -41.88 13.82
C TYR A 288 -0.32 -41.25 15.12
N THR A 289 0.60 -41.86 15.86
CA THR A 289 1.04 -41.27 17.12
C THR A 289 2.06 -40.17 16.91
N ILE A 290 3.06 -40.39 16.05
CA ILE A 290 4.22 -39.52 15.98
C ILE A 290 4.37 -38.84 14.63
N LEU A 291 4.04 -39.54 13.53
CA LEU A 291 4.36 -39.02 12.21
C LEU A 291 3.53 -37.78 11.85
N THR A 292 2.23 -37.83 12.11
CA THR A 292 1.37 -36.71 11.73
C THR A 292 1.74 -35.38 12.36
N PRO A 293 2.17 -35.30 13.63
CA PRO A 293 2.66 -34.01 14.14
C PRO A 293 3.87 -33.48 13.38
N MET A 294 4.74 -34.35 12.85
CA MET A 294 5.79 -33.86 11.96
C MET A 294 5.23 -33.41 10.63
N LEU A 295 4.25 -34.13 10.08
CA LEU A 295 3.77 -33.81 8.74
C LEU A 295 2.89 -32.57 8.72
N ASN A 296 2.31 -32.20 9.87
CA ASN A 296 1.41 -31.04 9.89
C ASN A 296 2.07 -29.74 9.47
N PRO A 297 3.23 -29.33 10.02
CA PRO A 297 3.80 -28.03 9.61
C PRO A 297 4.37 -28.06 8.21
N LEU A 298 4.95 -29.20 7.82
CA LEU A 298 5.57 -29.31 6.49
C LEU A 298 4.53 -29.25 5.38
N ILE A 299 3.25 -29.45 5.70
CA ILE A 299 2.18 -29.38 4.72
C ILE A 299 1.38 -28.09 4.84
N TYR A 300 0.86 -27.80 6.03
CA TYR A 300 -0.08 -26.70 6.18
C TYR A 300 0.60 -25.33 6.16
N SER A 301 1.80 -25.22 6.74
CA SER A 301 2.38 -23.91 7.04
C SER A 301 3.65 -23.63 6.24
N LEU A 302 4.65 -24.51 6.30
CA LEU A 302 5.99 -24.16 5.82
C LEU A 302 6.06 -23.96 4.31
N ARG A 303 5.05 -24.41 3.56
CA ARG A 303 5.05 -24.22 2.12
C ARG A 303 4.38 -22.93 1.67
N ASN A 304 3.86 -22.14 2.61
CA ASN A 304 3.20 -20.89 2.25
C ASN A 304 4.22 -19.81 1.88
N LYS A 305 3.86 -18.97 0.91
CA LYS A 305 4.72 -17.85 0.56
C LYS A 305 4.73 -16.79 1.65
N GLU A 306 3.60 -16.57 2.32
CA GLU A 306 3.55 -15.60 3.41
C GLU A 306 4.50 -15.99 4.54
N VAL A 307 4.55 -17.28 4.87
CA VAL A 307 5.45 -17.75 5.92
C VAL A 307 6.90 -17.50 5.55
N LYS A 308 7.26 -17.80 4.29
CA LYS A 308 8.63 -17.56 3.84
C LYS A 308 8.97 -16.07 3.89
N GLY A 309 8.06 -15.22 3.44
CA GLY A 309 8.30 -13.79 3.51
C GLY A 309 8.46 -13.28 4.92
N ALA A 310 7.61 -13.75 5.83
CA ALA A 310 7.73 -13.35 7.23
C ALA A 310 9.03 -13.83 7.85
N LEU A 311 9.46 -15.06 7.52
CA LEU A 311 10.72 -15.57 8.03
C LEU A 311 11.89 -14.75 7.53
N ARG A 312 11.90 -14.41 6.24
CA ARG A 312 12.98 -13.59 5.70
C ARG A 312 12.98 -12.19 6.31
N ARG A 313 11.80 -11.61 6.53
CA ARG A 313 11.72 -10.30 7.16
C ARG A 313 12.22 -10.34 8.59
N VAL A 314 11.88 -11.40 9.34
CA VAL A 314 12.36 -11.54 10.71
C VAL A 314 13.87 -11.68 10.72
N LEU A 315 14.43 -12.50 9.82
CA LEU A 315 15.88 -12.60 9.72
C LEU A 315 16.50 -11.28 9.31
N GLY A 316 15.87 -10.58 8.36
CA GLY A 316 16.38 -9.31 7.89
C GLY A 316 15.82 -8.13 8.67
N GLN B 1 16.07 24.51 -16.16
CA GLN B 1 14.72 24.81 -16.62
C GLN B 1 14.42 24.09 -17.94
N VAL B 2 13.22 23.54 -18.03
CA VAL B 2 12.79 22.85 -19.25
C VAL B 2 12.37 23.88 -20.28
N GLN B 3 12.93 23.78 -21.49
CA GLN B 3 12.67 24.74 -22.55
C GLN B 3 12.44 23.99 -23.85
N LEU B 4 11.41 24.40 -24.59
CA LEU B 4 11.00 23.72 -25.82
C LEU B 4 10.67 24.76 -26.88
N GLN B 5 11.27 24.62 -28.06
CA GLN B 5 10.99 25.49 -29.20
C GLN B 5 10.50 24.67 -30.38
N GLU B 6 9.36 25.07 -30.95
CA GLU B 6 8.80 24.44 -32.14
C GLU B 6 8.99 25.35 -33.34
N SER B 7 9.21 24.75 -34.51
CA SER B 7 9.42 25.51 -35.73
C SER B 7 9.09 24.65 -36.93
N GLY B 8 8.99 25.30 -38.09
CA GLY B 8 8.74 24.62 -39.35
C GLY B 8 7.37 24.86 -39.95
N GLY B 9 6.42 25.41 -39.20
CA GLY B 9 5.09 25.62 -39.74
C GLY B 9 5.03 26.80 -40.70
N GLY B 10 3.93 26.87 -41.43
CA GLY B 10 3.73 27.95 -42.38
C GLY B 10 2.61 27.62 -43.35
N LEU B 11 2.49 28.48 -44.35
CA LEU B 11 1.48 28.28 -45.39
C LEU B 11 1.82 27.07 -46.24
N VAL B 12 0.78 26.36 -46.68
CA VAL B 12 0.96 25.18 -47.53
C VAL B 12 -0.34 24.94 -48.29
N GLN B 13 -0.20 24.59 -49.56
CA GLN B 13 -1.36 24.21 -50.36
C GLN B 13 -1.80 22.78 -50.01
N PRO B 14 -3.06 22.44 -50.25
CA PRO B 14 -3.50 21.05 -50.03
C PRO B 14 -2.71 20.08 -50.88
N GLY B 15 -2.38 18.93 -50.30
CA GLY B 15 -1.58 17.94 -50.98
C GLY B 15 -0.07 18.16 -50.89
N GLY B 16 0.37 19.13 -50.10
CA GLY B 16 1.78 19.42 -49.96
C GLY B 16 2.45 18.61 -48.87
N SER B 17 3.69 18.99 -48.59
CA SER B 17 4.50 18.32 -47.57
C SER B 17 5.03 19.36 -46.59
N LEU B 18 5.24 18.93 -45.34
CA LEU B 18 5.64 19.84 -44.28
C LEU B 18 6.48 19.11 -43.25
N ARG B 19 7.39 19.85 -42.62
CA ARG B 19 8.27 19.36 -41.57
C ARG B 19 8.12 20.22 -40.33
N LEU B 20 7.83 19.59 -39.19
CA LEU B 20 7.82 20.27 -37.90
C LEU B 20 8.98 19.75 -37.06
N SER B 21 9.78 20.67 -36.51
CA SER B 21 10.94 20.32 -35.71
C SER B 21 10.85 20.98 -34.35
N CYS B 22 11.15 20.21 -33.30
CA CYS B 22 11.13 20.71 -31.94
C CYS B 22 12.49 20.48 -31.31
N ALA B 23 12.99 21.51 -30.63
CA ALA B 23 14.26 21.48 -29.93
C ALA B 23 14.01 21.59 -28.43
N ALA B 24 14.61 20.69 -27.66
CA ALA B 24 14.43 20.61 -26.22
C ALA B 24 15.75 20.88 -25.52
N SER B 25 15.68 21.58 -24.39
CA SER B 25 16.86 21.87 -23.59
C SER B 25 16.49 21.91 -22.12
N GLY B 26 17.48 21.61 -21.28
CA GLY B 26 17.31 21.65 -19.85
C GLY B 26 17.06 20.33 -19.16
N PHE B 27 17.05 19.22 -19.90
CA PHE B 27 16.81 17.92 -19.30
C PHE B 27 17.41 16.84 -20.20
N THR B 28 17.53 15.64 -19.65
CA THR B 28 18.05 14.50 -20.40
C THR B 28 16.97 13.99 -21.34
N PHE B 29 17.33 13.83 -22.62
CA PHE B 29 16.33 13.50 -23.64
C PHE B 29 15.87 12.05 -23.55
N SER B 30 16.79 11.13 -23.29
CA SER B 30 16.53 9.70 -23.49
C SER B 30 15.78 9.04 -22.33
N ASN B 31 15.39 9.80 -21.30
CA ASN B 31 14.67 9.25 -20.17
C ASN B 31 13.17 9.51 -20.22
N TYR B 32 12.68 10.16 -21.28
CA TYR B 32 11.30 10.65 -21.31
C TYR B 32 10.60 10.19 -22.58
N LYS B 33 9.27 10.08 -22.49
CA LYS B 33 8.41 9.72 -23.60
C LYS B 33 7.76 11.00 -24.14
N MET B 34 7.69 11.13 -25.46
CA MET B 34 7.35 12.40 -26.08
C MET B 34 6.03 12.34 -26.83
N ASN B 35 5.33 13.47 -26.86
CA ASN B 35 3.97 13.59 -27.36
C ASN B 35 3.86 14.78 -28.31
N TRP B 36 2.96 14.67 -29.29
CA TRP B 36 2.57 15.81 -30.12
C TRP B 36 1.08 16.05 -29.91
N VAL B 37 0.70 17.32 -29.70
CA VAL B 37 -0.71 17.68 -29.54
C VAL B 37 -1.03 18.84 -30.47
N ARG B 38 -2.31 18.99 -30.77
CA ARG B 38 -2.77 20.04 -31.65
C ARG B 38 -4.07 20.63 -31.12
N GLN B 39 -4.35 21.86 -31.53
CA GLN B 39 -5.54 22.58 -31.08
C GLN B 39 -6.09 23.36 -32.27
N ALA B 40 -7.30 23.00 -32.69
CA ALA B 40 -7.96 23.72 -33.77
C ALA B 40 -8.66 24.95 -33.21
N PRO B 41 -8.91 25.97 -34.05
CA PRO B 41 -9.66 27.14 -33.58
C PRO B 41 -11.04 26.76 -33.08
N GLY B 42 -11.43 27.32 -31.95
CA GLY B 42 -12.73 27.00 -31.36
C GLY B 42 -12.88 25.55 -30.96
N LYS B 43 -11.83 24.96 -30.38
CA LYS B 43 -11.87 23.56 -30.00
C LYS B 43 -10.80 23.31 -28.93
N GLY B 44 -10.93 22.17 -28.26
CA GLY B 44 -10.00 21.79 -27.22
C GLY B 44 -8.79 21.08 -27.75
N LEU B 45 -7.87 20.76 -26.83
CA LEU B 45 -6.63 20.08 -27.19
C LEU B 45 -6.92 18.66 -27.65
N GLU B 46 -6.23 18.25 -28.71
CA GLU B 46 -6.45 16.95 -29.34
C GLU B 46 -5.11 16.23 -29.48
N TRP B 47 -5.07 14.98 -29.02
CA TRP B 47 -3.84 14.20 -29.04
C TRP B 47 -3.61 13.60 -30.43
N VAL B 48 -2.39 13.70 -30.93
CA VAL B 48 -2.06 13.33 -32.30
C VAL B 48 -1.23 12.04 -32.36
N SER B 49 -0.04 12.06 -31.77
CA SER B 49 0.84 10.89 -31.83
C SER B 49 1.85 10.97 -30.69
N ASP B 50 2.52 9.85 -30.45
CA ASP B 50 3.54 9.81 -29.41
C ASP B 50 4.59 8.75 -29.72
N ILE B 51 5.77 8.94 -29.12
CA ILE B 51 6.91 8.05 -29.31
C ILE B 51 7.54 7.79 -27.94
N SER B 52 8.03 6.57 -27.75
CA SER B 52 8.54 6.12 -26.47
C SER B 52 10.00 6.59 -26.28
N GLN B 53 10.66 6.06 -25.27
CA GLN B 53 12.00 6.54 -24.91
C GLN B 53 13.00 6.32 -26.04
N SER B 54 13.10 5.09 -26.53
CA SER B 54 14.06 4.76 -27.57
C SER B 54 13.46 4.76 -28.97
N GLY B 55 12.14 4.87 -29.10
CA GLY B 55 11.49 4.85 -30.39
C GLY B 55 11.03 3.51 -30.86
N ALA B 56 11.02 2.49 -29.98
CA ALA B 56 10.58 1.16 -30.39
C ALA B 56 9.08 1.13 -30.65
N SER B 57 8.30 1.73 -29.75
CA SER B 57 6.85 1.72 -29.85
C SER B 57 6.36 3.15 -30.10
N ILE B 58 5.64 3.34 -31.21
CA ILE B 58 5.04 4.61 -31.55
C ILE B 58 3.55 4.41 -31.70
N SER B 59 2.77 5.44 -31.39
CA SER B 59 1.32 5.36 -31.49
C SER B 59 0.78 6.60 -32.18
N TYR B 60 -0.35 6.41 -32.88
CA TYR B 60 -0.95 7.44 -33.71
C TYR B 60 -2.41 7.60 -33.31
N THR B 61 -2.99 8.72 -33.71
CA THR B 61 -4.43 8.87 -33.57
C THR B 61 -5.15 8.36 -34.82
N GLY B 62 -6.47 8.33 -34.75
CA GLY B 62 -7.25 7.69 -35.80
C GLY B 62 -7.20 8.40 -37.13
N SER B 63 -7.19 9.74 -37.13
CA SER B 63 -7.42 10.51 -38.34
C SER B 63 -6.15 10.85 -39.11
N VAL B 64 -4.97 10.46 -38.63
CA VAL B 64 -3.73 10.73 -39.33
C VAL B 64 -2.94 9.47 -39.65
N LYS B 65 -3.45 8.30 -39.28
CA LYS B 65 -2.73 7.05 -39.53
C LYS B 65 -2.51 6.86 -41.04
N GLY B 66 -1.29 6.52 -41.41
CA GLY B 66 -0.92 6.34 -42.79
C GLY B 66 -0.51 7.60 -43.52
N ARG B 67 -0.46 8.74 -42.83
CA ARG B 67 -0.07 10.01 -43.45
C ARG B 67 1.06 10.72 -42.71
N PHE B 68 1.16 10.57 -41.39
CA PHE B 68 2.15 11.26 -40.59
C PHE B 68 3.16 10.25 -40.04
N THR B 69 4.40 10.71 -39.84
CA THR B 69 5.39 9.92 -39.15
C THR B 69 6.17 10.79 -38.16
N ILE B 70 6.55 10.17 -37.05
CA ILE B 70 7.19 10.84 -35.92
C ILE B 70 8.53 10.17 -35.65
N SER B 71 9.53 10.97 -35.30
CA SER B 71 10.86 10.45 -35.01
C SER B 71 11.55 11.35 -33.99
N ARG B 72 12.56 10.78 -33.33
CA ARG B 72 13.35 11.49 -32.34
C ARG B 72 14.83 11.32 -32.63
N ASP B 73 15.63 12.27 -32.16
CA ASP B 73 17.09 12.22 -32.31
C ASP B 73 17.69 12.63 -30.97
N ASN B 74 18.28 11.66 -30.28
CA ASN B 74 18.84 11.91 -28.95
C ASN B 74 20.17 12.65 -29.00
N ALA B 75 20.98 12.43 -30.04
CA ALA B 75 22.27 13.12 -30.14
C ALA B 75 22.09 14.63 -30.30
N LYS B 76 21.16 15.04 -31.15
CA LYS B 76 20.88 16.45 -31.36
C LYS B 76 19.78 16.97 -30.43
N ASN B 77 19.16 16.10 -29.64
CA ASN B 77 18.11 16.48 -28.69
C ASN B 77 16.95 17.17 -29.41
N THR B 78 16.33 16.43 -30.34
CA THR B 78 15.30 17.04 -31.16
C THR B 78 14.23 16.02 -31.52
N LEU B 79 13.08 16.53 -31.93
CA LEU B 79 11.93 15.73 -32.33
C LEU B 79 11.42 16.23 -33.68
N TYR B 80 10.87 15.32 -34.47
CA TYR B 80 10.43 15.64 -35.82
C TYR B 80 9.02 15.14 -36.06
N LEU B 81 8.35 15.75 -37.04
CA LEU B 81 7.04 15.32 -37.49
C LEU B 81 6.93 15.60 -38.99
N GLN B 82 6.48 14.61 -39.75
CA GLN B 82 6.31 14.71 -41.20
C GLN B 82 4.83 14.80 -41.53
N MET B 83 4.47 15.73 -42.41
CA MET B 83 3.11 15.90 -42.88
C MET B 83 3.07 15.74 -44.39
N ASN B 84 2.19 14.87 -44.88
CA ASN B 84 2.03 14.61 -46.30
C ASN B 84 0.57 14.64 -46.68
N SER B 85 0.25 15.30 -47.79
CA SER B 85 -1.11 15.35 -48.33
C SER B 85 -2.10 15.91 -47.31
N LEU B 86 -1.89 17.18 -46.97
CA LEU B 86 -2.66 17.83 -45.91
C LEU B 86 -4.12 17.98 -46.33
N LYS B 87 -5.03 17.59 -45.44
CA LYS B 87 -6.45 17.84 -45.64
C LYS B 87 -6.79 19.27 -45.21
N PRO B 88 -7.87 19.84 -45.74
CA PRO B 88 -8.21 21.22 -45.38
C PRO B 88 -8.60 21.41 -43.92
N GLU B 89 -8.88 20.33 -43.20
CA GLU B 89 -9.26 20.42 -41.79
C GLU B 89 -8.07 20.28 -40.85
N ASP B 90 -6.84 20.33 -41.36
CA ASP B 90 -5.64 20.17 -40.56
C ASP B 90 -5.05 21.48 -40.07
N THR B 91 -5.68 22.61 -40.37
CA THR B 91 -5.18 23.89 -39.89
C THR B 91 -5.44 24.03 -38.38
N ALA B 92 -4.37 24.27 -37.62
CA ALA B 92 -4.45 24.31 -36.17
C ALA B 92 -3.11 24.81 -35.63
N VAL B 93 -2.98 24.86 -34.31
CA VAL B 93 -1.73 25.20 -33.65
C VAL B 93 -1.19 23.94 -32.98
N TYR B 94 0.10 23.67 -33.19
CA TYR B 94 0.72 22.42 -32.77
C TYR B 94 1.68 22.69 -31.61
N TYR B 95 1.62 21.84 -30.59
CA TYR B 95 2.52 21.88 -29.45
C TYR B 95 3.22 20.53 -29.30
N CYS B 96 4.42 20.57 -28.73
CA CYS B 96 5.17 19.36 -28.39
C CYS B 96 5.19 19.23 -26.87
N ALA B 97 4.69 18.11 -26.37
CA ALA B 97 4.55 17.90 -24.94
C ALA B 97 5.66 17.00 -24.42
N ARG B 98 5.57 16.61 -23.15
CA ARG B 98 6.59 15.78 -22.53
C ARG B 98 5.97 15.00 -21.39
N CYS B 99 6.49 13.80 -21.15
CA CYS B 99 6.02 12.98 -20.06
C CYS B 99 6.38 13.64 -18.72
N PRO B 100 5.44 13.69 -17.77
CA PRO B 100 5.74 14.36 -16.49
C PRO B 100 6.89 13.73 -15.71
N ALA B 101 7.05 12.42 -15.77
CA ALA B 101 8.08 11.75 -14.98
C ALA B 101 8.89 10.80 -15.87
N PRO B 102 10.16 10.59 -15.54
CA PRO B 102 10.99 9.67 -16.32
C PRO B 102 10.72 8.22 -15.94
N PHE B 103 11.18 7.32 -16.82
CA PHE B 103 11.08 5.87 -16.63
C PHE B 103 9.63 5.44 -16.40
N THR B 104 8.70 6.02 -17.15
CA THR B 104 7.31 5.66 -17.08
C THR B 104 6.76 5.40 -18.48
N ARG B 105 5.77 4.51 -18.56
CA ARG B 105 5.08 4.22 -19.81
C ARG B 105 3.65 4.72 -19.82
N ASP B 106 3.29 5.58 -18.86
CA ASP B 106 1.98 6.21 -18.80
C ASP B 106 2.16 7.72 -18.77
N CYS B 107 1.09 8.43 -19.16
CA CYS B 107 1.15 9.89 -19.27
C CYS B 107 -0.16 10.47 -18.74
N PHE B 108 -0.06 11.32 -17.72
CA PHE B 108 -1.21 11.99 -17.13
C PHE B 108 -1.18 13.49 -17.46
N ASP B 109 -2.38 14.04 -17.68
CA ASP B 109 -2.57 15.49 -17.81
C ASP B 109 -1.72 16.09 -18.92
N VAL B 110 -1.56 15.38 -20.04
CA VAL B 110 -0.73 15.90 -21.12
C VAL B 110 -1.49 16.92 -21.97
N THR B 111 -2.80 16.74 -22.12
CA THR B 111 -3.62 17.63 -22.92
C THR B 111 -4.42 18.62 -22.07
N SER B 112 -3.99 18.86 -20.84
CA SER B 112 -4.68 19.80 -19.98
C SER B 112 -4.49 21.23 -20.49
N THR B 113 -5.37 22.12 -20.03
CA THR B 113 -5.34 23.50 -20.49
C THR B 113 -4.22 24.32 -19.89
N THR B 114 -3.58 23.84 -18.82
CA THR B 114 -2.55 24.62 -18.13
C THR B 114 -1.35 23.74 -17.79
N TYR B 115 -0.95 22.88 -18.72
CA TYR B 115 0.23 22.05 -18.51
C TYR B 115 1.49 22.89 -18.48
N ALA B 116 2.49 22.41 -17.75
CA ALA B 116 3.71 23.19 -17.55
C ALA B 116 4.81 22.83 -18.55
N TYR B 117 4.93 21.55 -18.89
CA TYR B 117 5.98 21.08 -19.79
C TYR B 117 5.42 20.95 -21.20
N ARG B 118 5.26 22.09 -21.87
CA ARG B 118 4.86 22.11 -23.26
C ARG B 118 5.33 23.41 -23.89
N GLY B 119 5.46 23.40 -25.22
CA GLY B 119 5.94 24.55 -25.95
C GLY B 119 4.82 25.51 -26.34
N GLN B 120 5.23 26.59 -27.00
CA GLN B 120 4.27 27.58 -27.49
C GLN B 120 3.58 27.13 -28.77
N GLY B 121 4.22 26.25 -29.54
CA GLY B 121 3.61 25.69 -30.73
C GLY B 121 3.73 26.60 -31.94
N THR B 122 3.35 26.05 -33.09
CA THR B 122 3.39 26.76 -34.36
C THR B 122 2.04 26.67 -35.04
N GLN B 123 1.72 27.67 -35.86
CA GLN B 123 0.46 27.74 -36.57
C GLN B 123 0.60 27.13 -37.96
N VAL B 124 -0.31 26.22 -38.31
CA VAL B 124 -0.32 25.56 -39.61
C VAL B 124 -1.66 25.83 -40.26
N THR B 125 -1.64 26.34 -41.49
CA THR B 125 -2.84 26.69 -42.22
C THR B 125 -2.84 26.00 -43.57
N VAL B 126 -4.04 25.68 -44.05
CA VAL B 126 -4.21 25.02 -45.34
C VAL B 126 -5.05 25.88 -46.27
N ASN C 22 2.47 7.87 39.33
CA ASN C 22 1.82 9.17 39.24
C ASN C 22 0.76 9.17 38.14
N GLU C 23 1.15 9.66 36.96
CA GLU C 23 0.24 9.70 35.81
C GLU C 23 0.26 8.42 34.99
N GLU C 24 1.11 7.44 35.35
CA GLU C 24 1.23 6.24 34.54
C GLU C 24 -0.03 5.39 34.60
N LYS C 25 -0.64 5.30 35.78
CA LYS C 25 -1.89 4.56 35.91
C LYS C 25 -3.00 5.18 35.07
N ALA C 26 -3.13 6.51 35.13
CA ALA C 26 -4.14 7.20 34.34
C ALA C 26 -3.87 7.01 32.84
N GLN C 27 -2.61 7.05 32.44
CA GLN C 27 -2.28 6.83 31.03
C GLN C 27 -2.62 5.41 30.60
N ARG C 28 -2.37 4.41 31.45
CA ARG C 28 -2.73 3.05 31.09
C ARG C 28 -4.25 2.90 30.96
N GLU C 29 -5.01 3.49 31.89
CA GLU C 29 -6.47 3.43 31.78
C GLU C 29 -6.96 4.10 30.50
N ALA C 30 -6.41 5.27 30.18
CA ALA C 30 -6.81 5.97 28.96
C ALA C 30 -6.46 5.16 27.71
N ASN C 31 -5.28 4.54 27.70
CA ASN C 31 -4.88 3.73 26.55
C ASN C 31 -5.82 2.54 26.38
N LYS C 32 -6.19 1.88 27.48
CA LYS C 32 -7.14 0.78 27.38
C LYS C 32 -8.49 1.26 26.86
N LYS C 33 -8.97 2.39 27.36
CA LYS C 33 -10.26 2.92 26.91
C LYS C 33 -10.25 3.23 25.43
N ILE C 34 -9.17 3.82 24.93
CA ILE C 34 -9.11 4.17 23.52
C ILE C 34 -8.96 2.92 22.65
N GLU C 35 -8.15 1.95 23.11
CA GLU C 35 -7.98 0.72 22.34
C GLU C 35 -9.28 -0.07 22.22
N LYS C 36 -10.14 -0.04 23.25
CA LYS C 36 -11.43 -0.69 23.13
C LYS C 36 -12.24 -0.09 21.97
N GLN C 37 -12.28 1.23 21.87
CA GLN C 37 -13.01 1.88 20.80
C GLN C 37 -12.39 1.59 19.44
N LEU C 38 -11.05 1.54 19.37
CA LEU C 38 -10.40 1.20 18.11
C LEU C 38 -10.75 -0.20 17.67
N GLN C 39 -10.76 -1.16 18.60
CA GLN C 39 -11.17 -2.53 18.26
C GLN C 39 -12.62 -2.57 17.81
N LYS C 40 -13.49 -1.77 18.44
CA LYS C 40 -14.88 -1.72 17.99
C LYS C 40 -15.00 -1.17 16.58
N ASP C 41 -14.22 -0.15 16.23
CA ASP C 41 -14.32 0.47 14.92
C ASP C 41 -13.64 -0.34 13.82
N LYS C 42 -12.72 -1.23 14.17
CA LYS C 42 -12.03 -2.02 13.15
C LYS C 42 -13.02 -2.88 12.36
N GLN C 43 -13.97 -3.53 13.05
CA GLN C 43 -14.93 -4.38 12.35
C GLN C 43 -15.81 -3.57 11.40
N VAL C 44 -16.28 -2.41 11.85
CA VAL C 44 -17.11 -1.56 11.00
C VAL C 44 -16.33 -1.10 9.79
N TYR C 45 -15.03 -0.80 9.97
CA TYR C 45 -14.20 -0.44 8.83
C TYR C 45 -14.08 -1.59 7.84
N ARG C 46 -13.91 -2.82 8.35
CA ARG C 46 -13.74 -3.96 7.46
C ARG C 46 -15.05 -4.46 6.85
N ALA C 47 -16.20 -3.99 7.35
CA ALA C 47 -17.47 -4.52 6.86
C ALA C 47 -17.84 -4.01 5.45
N THR C 48 -17.62 -2.73 5.16
CA THR C 48 -18.12 -2.14 3.93
C THR C 48 -17.09 -2.24 2.80
N HIS C 49 -17.57 -2.08 1.57
CA HIS C 49 -16.72 -2.14 0.38
C HIS C 49 -16.75 -0.79 -0.34
N ARG C 50 -15.55 -0.28 -0.66
CA ARG C 50 -15.41 1.05 -1.25
C ARG C 50 -15.20 0.96 -2.76
N LEU C 51 -15.73 1.95 -3.49
CA LEU C 51 -15.65 2.02 -4.94
C LEU C 51 -15.38 3.45 -5.37
N LEU C 52 -14.65 3.60 -6.48
CA LEU C 52 -14.33 4.92 -7.03
C LEU C 52 -14.96 5.08 -8.41
N LEU C 53 -15.71 6.15 -8.61
CA LEU C 53 -16.43 6.37 -9.86
C LEU C 53 -15.68 7.38 -10.72
N LEU C 54 -15.42 7.02 -11.98
CA LEU C 54 -14.73 7.88 -12.93
C LEU C 54 -15.49 7.92 -14.25
N GLY C 55 -15.39 9.06 -14.91
CA GLY C 55 -16.09 9.26 -16.17
C GLY C 55 -15.81 10.64 -16.71
N ALA C 56 -16.51 10.98 -17.79
CA ALA C 56 -16.36 12.25 -18.45
C ALA C 56 -17.56 13.15 -18.17
N ASP C 57 -17.52 14.37 -18.69
CA ASP C 57 -18.58 15.34 -18.45
C ASP C 57 -19.86 14.93 -19.17
N ASN C 58 -19.75 14.56 -20.45
CA ASN C 58 -20.93 14.18 -21.23
C ASN C 58 -21.51 12.83 -20.81
N SER C 59 -20.70 11.96 -20.20
CA SER C 59 -21.20 10.68 -19.74
C SER C 59 -22.22 10.87 -18.62
N GLY C 60 -23.25 10.03 -18.63
CA GLY C 60 -24.31 10.13 -17.65
C GLY C 60 -23.99 9.45 -16.35
N LYS C 61 -22.79 9.67 -15.82
CA LYS C 61 -22.42 9.07 -14.54
C LYS C 61 -23.20 9.65 -13.37
N SER C 62 -23.69 10.89 -13.50
CA SER C 62 -24.53 11.47 -12.46
C SER C 62 -25.83 10.68 -12.32
N THR C 63 -26.43 10.28 -13.45
CA THR C 63 -27.64 9.45 -13.38
C THR C 63 -27.34 8.10 -12.77
N ILE C 64 -26.17 7.52 -13.09
CA ILE C 64 -25.78 6.23 -12.50
C ILE C 64 -25.65 6.35 -10.99
N VAL C 65 -25.01 7.42 -10.52
CA VAL C 65 -24.74 7.53 -9.08
C VAL C 65 -26.00 7.96 -8.33
N LYS C 66 -26.93 8.65 -9.00
CA LYS C 66 -28.17 9.06 -8.36
C LYS C 66 -29.31 8.06 -8.54
N GLN C 67 -29.10 6.99 -9.32
CA GLN C 67 -30.15 6.00 -9.49
C GLN C 67 -30.33 5.16 -8.23
N MET C 68 -29.24 4.88 -7.52
CA MET C 68 -29.30 4.09 -6.30
C MET C 68 -29.50 4.93 -5.04
N ARG C 69 -29.65 6.24 -5.19
CA ARG C 69 -29.89 7.11 -4.04
C ARG C 69 -31.38 7.34 -3.83
N GLY C 83 -16.92 19.48 -3.51
CA GLY C 83 -16.19 18.46 -2.79
C GLY C 83 -16.44 17.06 -3.30
N ILE C 84 -16.22 16.07 -2.45
CA ILE C 84 -16.40 14.67 -2.79
C ILE C 84 -17.84 14.28 -2.47
N PHE C 85 -18.51 13.64 -3.43
CA PHE C 85 -19.88 13.19 -3.23
C PHE C 85 -19.88 11.68 -3.00
N GLU C 86 -20.40 11.26 -1.85
CA GLU C 86 -20.46 9.86 -1.47
C GLU C 86 -21.89 9.36 -1.61
N THR C 87 -22.06 8.10 -1.99
CA THR C 87 -23.38 7.49 -1.90
C THR C 87 -23.29 6.07 -1.35
N LYS C 88 -24.32 5.69 -0.61
CA LYS C 88 -24.37 4.41 0.09
C LYS C 88 -25.53 3.59 -0.43
N PHE C 89 -25.29 2.31 -0.71
CA PHE C 89 -26.37 1.40 -1.06
C PHE C 89 -26.05 0.01 -0.53
N GLN C 90 -27.11 -0.72 -0.20
CA GLN C 90 -27.02 -2.06 0.37
C GLN C 90 -27.65 -3.06 -0.59
N VAL C 91 -26.90 -4.11 -0.93
CA VAL C 91 -27.39 -5.18 -1.79
C VAL C 91 -27.17 -6.50 -1.08
N ASP C 92 -28.26 -7.23 -0.85
CA ASP C 92 -28.20 -8.56 -0.23
C ASP C 92 -27.45 -8.53 1.09
N LYS C 93 -27.76 -7.54 1.92
CA LYS C 93 -27.11 -7.33 3.22
C LYS C 93 -25.61 -7.15 3.09
N VAL C 94 -25.17 -6.48 2.03
CA VAL C 94 -23.77 -6.07 1.86
C VAL C 94 -23.75 -4.58 1.56
N ASN C 95 -22.83 -3.86 2.19
CA ASN C 95 -22.82 -2.41 2.15
C ASN C 95 -21.71 -1.90 1.22
N PHE C 96 -22.11 -1.09 0.23
CA PHE C 96 -21.17 -0.49 -0.70
C PHE C 96 -21.14 1.02 -0.47
N HIS C 97 -19.99 1.62 -0.76
CA HIS C 97 -19.75 3.03 -0.53
C HIS C 97 -18.89 3.55 -1.67
N MET C 98 -19.47 4.37 -2.54
CA MET C 98 -18.75 4.81 -3.72
C MET C 98 -18.66 6.33 -3.76
N PHE C 99 -17.50 6.79 -4.23
CA PHE C 99 -17.09 8.19 -4.20
C PHE C 99 -16.98 8.76 -5.61
N ASP C 100 -17.44 10.00 -5.77
CA ASP C 100 -17.28 10.76 -7.01
C ASP C 100 -16.60 12.08 -6.65
N VAL C 101 -15.44 12.32 -7.25
CA VAL C 101 -14.65 13.53 -6.99
C VAL C 101 -14.76 14.44 -8.21
N GLY C 102 -15.39 15.59 -8.03
CA GLY C 102 -15.58 16.52 -9.12
C GLY C 102 -15.24 17.95 -8.81
N GLY C 103 -14.92 18.24 -7.56
CA GLY C 103 -14.61 19.59 -7.13
C GLY C 103 -13.19 20.05 -7.36
N GLN C 104 -12.31 19.18 -7.86
CA GLN C 104 -10.92 19.53 -8.09
C GLN C 104 -10.77 20.13 -9.48
N ARG C 105 -9.52 20.33 -9.92
CA ARG C 105 -9.23 20.82 -11.26
C ARG C 105 -9.17 19.64 -12.23
N ASP C 106 -8.70 19.90 -13.44
CA ASP C 106 -8.65 18.87 -14.46
C ASP C 106 -7.34 18.08 -14.48
N GLU C 107 -6.44 18.35 -13.54
CA GLU C 107 -5.20 17.59 -13.43
C GLU C 107 -5.30 16.62 -12.26
N ARG C 108 -5.06 15.34 -12.53
CA ARG C 108 -5.35 14.28 -11.57
C ARG C 108 -4.16 13.36 -11.31
N ARG C 109 -2.95 13.77 -11.65
CA ARG C 109 -1.79 12.93 -11.43
C ARG C 109 -1.36 12.88 -9.96
N LYS C 110 -1.92 13.73 -9.10
CA LYS C 110 -1.46 13.86 -7.72
C LYS C 110 -2.45 13.30 -6.71
N TRP C 111 -3.74 13.58 -6.85
CA TRP C 111 -4.72 13.11 -5.89
C TRP C 111 -5.28 11.73 -6.24
N ILE C 112 -4.80 11.10 -7.31
CA ILE C 112 -5.25 9.76 -7.64
C ILE C 112 -4.59 8.71 -6.75
N GLN C 113 -3.39 8.98 -6.25
CA GLN C 113 -2.66 8.00 -5.45
C GLN C 113 -3.38 7.66 -4.15
N CYS C 114 -4.29 8.52 -3.69
CA CYS C 114 -5.07 8.21 -2.50
C CYS C 114 -6.03 7.05 -2.72
N PHE C 115 -6.34 6.71 -3.97
CA PHE C 115 -7.34 5.71 -4.30
C PHE C 115 -6.71 4.38 -4.73
N ASN C 116 -5.59 4.02 -4.10
CA ASN C 116 -4.93 2.76 -4.41
C ASN C 116 -5.38 1.61 -3.51
N ASP C 117 -6.34 1.84 -2.62
CA ASP C 117 -6.84 0.80 -1.72
C ASP C 117 -8.31 0.50 -1.96
N VAL C 118 -8.93 1.11 -2.97
CA VAL C 118 -10.34 0.86 -3.23
C VAL C 118 -10.51 -0.54 -3.83
N THR C 119 -11.74 -1.06 -3.72
CA THR C 119 -12.03 -2.38 -4.27
C THR C 119 -12.08 -2.35 -5.78
N ALA C 120 -12.75 -1.35 -6.36
CA ALA C 120 -12.92 -1.32 -7.81
C ALA C 120 -13.08 0.12 -8.28
N ILE C 121 -12.76 0.31 -9.55
CA ILE C 121 -12.93 1.60 -10.23
C ILE C 121 -14.01 1.42 -11.29
N ILE C 122 -15.15 2.06 -11.08
CA ILE C 122 -16.18 2.12 -12.10
C ILE C 122 -15.76 3.15 -13.14
N PHE C 123 -15.82 2.77 -14.42
CA PHE C 123 -15.39 3.63 -15.51
C PHE C 123 -16.54 3.75 -16.50
N VAL C 124 -17.10 4.95 -16.61
CA VAL C 124 -18.27 5.20 -17.47
C VAL C 124 -17.78 5.83 -18.77
N VAL C 125 -18.18 5.24 -19.90
CA VAL C 125 -17.77 5.70 -21.22
C VAL C 125 -19.00 5.83 -22.11
N ASP C 126 -19.10 6.96 -22.81
CA ASP C 126 -20.14 7.13 -23.81
C ASP C 126 -19.77 6.36 -25.07
N SER C 127 -20.75 5.66 -25.65
CA SER C 127 -20.53 4.94 -26.90
C SER C 127 -21.08 5.67 -28.11
N SER C 128 -21.68 6.84 -27.93
CA SER C 128 -22.31 7.57 -29.02
C SER C 128 -21.49 8.75 -29.52
N ASP C 129 -20.37 9.06 -28.88
CA ASP C 129 -19.52 10.19 -29.26
C ASP C 129 -18.18 9.69 -29.81
N TYR C 130 -18.05 9.72 -31.14
CA TYR C 130 -16.82 9.25 -31.78
C TYR C 130 -15.70 10.25 -31.66
N ASN C 131 -16.01 11.52 -31.41
CA ASN C 131 -14.98 12.56 -31.35
C ASN C 131 -14.08 12.38 -30.14
N ARG C 132 -14.64 11.98 -29.00
CA ARG C 132 -13.91 11.93 -27.75
C ARG C 132 -13.63 10.51 -27.27
N LEU C 133 -13.65 9.53 -28.17
CA LEU C 133 -13.37 8.15 -27.75
C LEU C 133 -11.88 7.94 -27.52
N GLN C 134 -11.02 8.60 -28.30
CA GLN C 134 -9.58 8.45 -28.12
C GLN C 134 -9.13 8.96 -26.76
N GLU C 135 -9.74 10.02 -26.25
CA GLU C 135 -9.40 10.51 -24.93
C GLU C 135 -9.74 9.49 -23.86
N ALA C 136 -10.90 8.84 -23.98
CA ALA C 136 -11.26 7.78 -23.04
C ALA C 136 -10.29 6.61 -23.13
N LEU C 137 -9.89 6.24 -24.35
CA LEU C 137 -8.93 5.16 -24.50
C LEU C 137 -7.60 5.50 -23.83
N ASN C 138 -7.12 6.73 -24.02
CA ASN C 138 -5.86 7.16 -23.41
C ASN C 138 -5.97 7.19 -21.89
N LEU C 139 -7.09 7.67 -21.35
CA LEU C 139 -7.28 7.66 -19.90
C LEU C 139 -7.30 6.24 -19.36
N PHE C 140 -7.97 5.32 -20.05
CA PHE C 140 -7.98 3.93 -19.62
C PHE C 140 -6.58 3.34 -19.63
N LYS C 141 -5.80 3.63 -20.68
CA LYS C 141 -4.43 3.13 -20.73
C LYS C 141 -3.57 3.69 -19.61
N SER C 142 -3.71 5.00 -19.33
CA SER C 142 -2.93 5.62 -18.26
C SER C 142 -3.29 5.03 -16.90
N ILE C 143 -4.57 4.79 -16.65
CA ILE C 143 -4.96 4.15 -15.39
C ILE C 143 -4.45 2.72 -15.33
N TRP C 144 -4.50 2.00 -16.45
CA TRP C 144 -4.06 0.61 -16.48
C TRP C 144 -2.57 0.49 -16.16
N ASN C 145 -1.75 1.39 -16.72
CA ASN C 145 -0.31 1.29 -16.60
C ASN C 145 0.26 2.05 -15.41
N ASN C 146 -0.59 2.63 -14.56
CA ASN C 146 -0.09 3.37 -13.40
C ASN C 146 0.62 2.43 -12.44
N ARG C 147 1.63 2.95 -11.75
CA ARG C 147 2.45 2.09 -10.89
C ARG C 147 1.73 1.74 -9.60
N TRP C 148 0.94 2.66 -9.05
CA TRP C 148 0.24 2.42 -7.80
C TRP C 148 -1.14 1.81 -8.00
N LEU C 149 -1.58 1.64 -9.24
CA LEU C 149 -2.87 1.05 -9.56
C LEU C 149 -2.72 -0.20 -10.42
N ARG C 150 -1.74 -1.05 -10.09
CA ARG C 150 -1.53 -2.29 -10.81
C ARG C 150 -2.27 -3.48 -10.19
N THR C 151 -3.05 -3.25 -9.14
CA THR C 151 -3.84 -4.30 -8.51
C THR C 151 -5.33 -4.02 -8.57
N ILE C 152 -5.73 -2.75 -8.68
CA ILE C 152 -7.14 -2.37 -8.67
C ILE C 152 -7.79 -2.82 -9.97
N SER C 153 -9.00 -3.36 -9.87
CA SER C 153 -9.75 -3.79 -11.04
C SER C 153 -10.71 -2.69 -11.50
N VAL C 154 -11.05 -2.76 -12.79
CA VAL C 154 -11.88 -1.76 -13.44
C VAL C 154 -13.16 -2.42 -13.93
N ILE C 155 -14.30 -1.84 -13.55
CA ILE C 155 -15.60 -2.26 -14.04
C ILE C 155 -16.07 -1.23 -15.06
N LEU C 156 -16.23 -1.66 -16.30
CA LEU C 156 -16.46 -0.76 -17.42
C LEU C 156 -17.94 -0.73 -17.79
N PHE C 157 -18.53 0.46 -17.82
CA PHE C 157 -19.89 0.67 -18.25
C PHE C 157 -19.86 1.48 -19.55
N LEU C 158 -20.58 0.98 -20.56
CA LEU C 158 -20.67 1.65 -21.87
C LEU C 158 -22.09 2.20 -21.99
N ASN C 159 -22.26 3.46 -21.63
CA ASN C 159 -23.57 4.08 -21.54
C ASN C 159 -24.03 4.55 -22.92
N LYS C 160 -25.29 5.00 -22.98
CA LYS C 160 -25.86 5.64 -24.17
C LYS C 160 -25.92 4.69 -25.36
N GLN C 161 -26.47 3.49 -25.14
CA GLN C 161 -26.65 2.55 -26.23
C GLN C 161 -27.83 2.90 -27.13
N ASP C 162 -28.90 3.48 -26.57
CA ASP C 162 -30.06 3.84 -27.37
C ASP C 162 -29.72 4.89 -28.42
N LEU C 163 -28.93 5.90 -28.03
CA LEU C 163 -28.49 6.89 -29.00
C LEU C 163 -27.52 6.30 -30.02
N LEU C 164 -26.66 5.39 -29.61
CA LEU C 164 -25.74 4.74 -30.54
C LEU C 164 -26.49 3.96 -31.61
N ALA C 165 -27.53 3.23 -31.20
CA ALA C 165 -28.30 2.46 -32.18
C ALA C 165 -28.96 3.36 -33.22
N GLU C 166 -29.56 4.47 -32.77
CA GLU C 166 -30.19 5.39 -33.69
C GLU C 166 -29.17 6.07 -34.60
N LYS C 167 -28.01 6.43 -34.06
CA LYS C 167 -26.99 7.09 -34.88
C LYS C 167 -26.42 6.14 -35.94
N VAL C 168 -26.21 4.88 -35.57
CA VAL C 168 -25.67 3.91 -36.51
C VAL C 168 -26.71 3.55 -37.57
N LEU C 169 -27.96 3.34 -37.15
CA LEU C 169 -29.00 2.94 -38.09
C LEU C 169 -29.26 4.00 -39.16
N ALA C 170 -29.28 5.27 -38.76
CA ALA C 170 -29.54 6.36 -39.71
C ALA C 170 -28.39 6.50 -40.70
N SER C 173 -23.01 10.48 -39.66
CA SER C 173 -21.64 10.22 -39.22
C SER C 173 -21.34 8.72 -39.26
N LYS C 174 -20.19 8.37 -39.81
CA LYS C 174 -19.75 6.99 -39.95
C LYS C 174 -18.53 6.74 -39.08
N ILE C 175 -18.53 5.59 -38.39
CA ILE C 175 -17.42 5.24 -37.51
C ILE C 175 -16.15 4.89 -38.27
N GLU C 176 -16.23 4.64 -39.57
CA GLU C 176 -15.03 4.34 -40.35
C GLU C 176 -14.15 5.58 -40.52
N ASP C 177 -14.71 6.77 -40.31
CA ASP C 177 -13.93 8.00 -40.46
C ASP C 177 -12.83 8.08 -39.42
N TYR C 178 -13.10 7.68 -38.18
CA TYR C 178 -12.16 7.83 -37.08
C TYR C 178 -11.43 6.54 -36.74
N PHE C 179 -11.70 5.43 -37.43
CA PHE C 179 -11.04 4.16 -37.15
C PHE C 179 -10.95 3.38 -38.46
N PRO C 180 -9.80 3.43 -39.13
CA PRO C 180 -9.66 2.70 -40.40
C PRO C 180 -9.85 1.19 -40.28
N GLU C 181 -9.33 0.57 -39.20
CA GLU C 181 -9.36 -0.88 -39.09
C GLU C 181 -10.77 -1.43 -38.94
N PHE C 182 -11.77 -0.57 -38.68
CA PHE C 182 -13.15 -1.02 -38.71
C PHE C 182 -13.54 -1.57 -40.07
N ALA C 183 -12.82 -1.19 -41.13
CA ALA C 183 -13.10 -1.76 -42.45
C ALA C 183 -12.70 -3.21 -42.56
N ARG C 184 -11.99 -3.77 -41.57
CA ARG C 184 -11.53 -5.15 -41.62
C ARG C 184 -11.99 -5.96 -40.40
N TYR C 185 -13.09 -5.55 -39.78
CA TYR C 185 -13.57 -6.20 -38.56
C TYR C 185 -14.80 -7.05 -38.84
N THR C 186 -14.87 -8.21 -38.19
CA THR C 186 -16.02 -9.10 -38.27
C THR C 186 -16.52 -9.40 -36.86
N THR C 187 -17.85 -9.44 -36.71
CA THR C 187 -18.44 -9.65 -35.40
C THR C 187 -18.09 -11.05 -34.88
N PRO C 188 -17.91 -11.19 -33.56
CA PRO C 188 -17.61 -12.49 -32.95
C PRO C 188 -18.75 -13.50 -33.13
N PRO C 195 -29.08 -4.35 -32.08
CA PRO C 195 -28.62 -5.74 -32.00
C PRO C 195 -29.68 -6.71 -32.50
N GLY C 196 -30.65 -7.02 -31.64
CA GLY C 196 -31.74 -7.89 -32.06
C GLY C 196 -32.61 -7.28 -33.14
N GLU C 197 -32.81 -5.96 -33.09
CA GLU C 197 -33.63 -5.30 -34.10
C GLU C 197 -32.90 -5.17 -35.43
N ASP C 198 -31.57 -5.00 -35.40
CA ASP C 198 -30.79 -4.82 -36.61
C ASP C 198 -29.38 -5.33 -36.35
N PRO C 199 -28.78 -6.06 -37.29
CA PRO C 199 -27.45 -6.62 -37.06
C PRO C 199 -26.31 -5.65 -37.35
N ARG C 200 -26.58 -4.46 -37.89
CA ARG C 200 -25.51 -3.52 -38.18
C ARG C 200 -25.02 -2.81 -36.92
N VAL C 201 -25.83 -2.84 -35.85
CA VAL C 201 -25.41 -2.19 -34.61
C VAL C 201 -24.43 -3.08 -33.84
N THR C 202 -24.54 -4.41 -34.01
CA THR C 202 -23.71 -5.33 -33.26
C THR C 202 -22.23 -5.15 -33.59
N ARG C 203 -21.91 -4.99 -34.88
CA ARG C 203 -20.52 -4.81 -35.28
C ARG C 203 -19.90 -3.60 -34.58
N ALA C 204 -20.59 -2.46 -34.60
CA ALA C 204 -20.05 -1.26 -33.98
C ALA C 204 -19.96 -1.41 -32.46
N LYS C 205 -21.01 -1.95 -31.83
CA LYS C 205 -21.03 -1.99 -30.38
C LYS C 205 -20.07 -3.03 -29.82
N TYR C 206 -19.63 -3.98 -30.64
CA TYR C 206 -18.55 -4.88 -30.23
C TYR C 206 -17.18 -4.37 -30.63
N PHE C 207 -17.08 -3.62 -31.73
CA PHE C 207 -15.81 -3.00 -32.10
C PHE C 207 -15.37 -1.99 -31.06
N ILE C 208 -16.31 -1.24 -30.50
CA ILE C 208 -15.96 -0.26 -29.47
C ILE C 208 -15.43 -0.95 -28.22
N ARG C 209 -16.00 -2.11 -27.87
CA ARG C 209 -15.55 -2.82 -26.68
C ARG C 209 -14.24 -3.56 -26.91
N ASP C 210 -13.99 -4.02 -28.14
CA ASP C 210 -12.79 -4.79 -28.42
C ASP C 210 -11.52 -3.96 -28.22
N GLU C 211 -11.58 -2.65 -28.43
CA GLU C 211 -10.41 -1.82 -28.20
C GLU C 211 -10.02 -1.81 -26.72
N PHE C 212 -11.00 -1.60 -25.85
CA PHE C 212 -10.72 -1.63 -24.41
C PHE C 212 -10.26 -3.01 -23.98
N LEU C 213 -10.87 -4.07 -24.50
CA LEU C 213 -10.41 -5.42 -24.15
C LEU C 213 -9.00 -5.69 -24.64
N ARG C 214 -8.63 -5.18 -25.82
CA ARG C 214 -7.27 -5.35 -26.33
C ARG C 214 -6.26 -4.61 -25.46
N ILE C 215 -6.60 -3.39 -25.04
CA ILE C 215 -5.71 -2.65 -24.13
C ILE C 215 -5.59 -3.39 -22.80
N SER C 216 -6.69 -3.97 -22.32
CA SER C 216 -6.64 -4.71 -21.06
C SER C 216 -5.76 -5.95 -21.16
N THR C 217 -5.89 -6.72 -22.24
CA THR C 217 -5.16 -7.97 -22.41
C THR C 217 -3.76 -7.77 -22.95
N ALA C 218 -3.40 -6.55 -23.37
CA ALA C 218 -2.05 -6.31 -23.87
C ALA C 218 -1.00 -6.38 -22.77
N SER C 219 -1.42 -6.35 -21.51
CA SER C 219 -0.48 -6.43 -20.39
C SER C 219 -1.10 -7.15 -19.20
N ARG C 223 -3.54 -10.60 -11.93
CA ARG C 223 -3.43 -9.54 -10.94
C ARG C 223 -4.73 -8.75 -10.87
N HIS C 224 -5.14 -8.23 -12.02
CA HIS C 224 -6.37 -7.45 -12.12
C HIS C 224 -6.94 -7.64 -13.52
N TYR C 225 -8.27 -7.53 -13.61
CA TYR C 225 -8.99 -7.83 -14.84
C TYR C 225 -9.90 -6.65 -15.22
N CYS C 226 -10.73 -6.87 -16.23
CA CYS C 226 -11.70 -5.89 -16.68
C CYS C 226 -13.04 -6.57 -16.93
N TYR C 227 -14.13 -5.84 -16.67
CA TYR C 227 -15.49 -6.37 -16.77
C TYR C 227 -16.35 -5.43 -17.60
N PRO C 228 -16.44 -5.67 -18.91
CA PRO C 228 -17.25 -4.80 -19.75
C PRO C 228 -18.74 -5.07 -19.61
N HIS C 229 -19.53 -4.01 -19.73
CA HIS C 229 -20.98 -4.11 -19.63
C HIS C 229 -21.62 -3.10 -20.58
N PHE C 230 -22.73 -3.49 -21.19
CA PHE C 230 -23.54 -2.61 -22.03
C PHE C 230 -24.75 -2.15 -21.23
N THR C 231 -24.91 -0.84 -21.09
CA THR C 231 -25.99 -0.30 -20.27
C THR C 231 -26.57 0.92 -20.94
N CYS C 232 -27.83 1.21 -20.61
CA CYS C 232 -28.54 2.38 -21.11
C CYS C 232 -28.79 3.35 -19.95
N ALA C 233 -29.51 4.44 -20.27
CA ALA C 233 -29.84 5.40 -19.23
C ALA C 233 -30.97 4.88 -18.34
N VAL C 234 -31.95 4.20 -18.92
CA VAL C 234 -33.08 3.66 -18.18
C VAL C 234 -32.79 2.18 -17.96
N ASP C 235 -32.16 1.88 -16.82
CA ASP C 235 -31.80 0.50 -16.48
C ASP C 235 -31.55 0.43 -14.99
N THR C 236 -32.13 -0.57 -14.32
CA THR C 236 -32.01 -0.71 -12.88
C THR C 236 -31.18 -1.92 -12.46
N GLU C 237 -30.44 -2.53 -13.38
CA GLU C 237 -29.67 -3.73 -13.09
C GLU C 237 -28.23 -3.44 -12.69
N ASN C 238 -27.84 -2.17 -12.56
CA ASN C 238 -26.44 -1.84 -12.33
C ASN C 238 -25.94 -2.32 -10.96
N ALA C 239 -26.78 -2.20 -9.93
CA ALA C 239 -26.35 -2.59 -8.59
C ALA C 239 -26.03 -4.08 -8.52
N ARG C 240 -26.86 -4.92 -9.16
CA ARG C 240 -26.60 -6.36 -9.17
C ARG C 240 -25.30 -6.67 -9.90
N ARG C 241 -25.03 -5.97 -11.00
CA ARG C 241 -23.79 -6.18 -11.74
C ARG C 241 -22.57 -5.82 -10.89
N ILE C 242 -22.64 -4.69 -10.19
CA ILE C 242 -21.54 -4.30 -9.31
C ILE C 242 -21.36 -5.33 -8.20
N PHE C 243 -22.47 -5.83 -7.64
CA PHE C 243 -22.41 -6.84 -6.60
C PHE C 243 -21.71 -8.10 -7.10
N ASN C 244 -22.09 -8.57 -8.29
CA ASN C 244 -21.48 -9.78 -8.84
C ASN C 244 -19.99 -9.58 -9.12
N ASP C 245 -19.62 -8.43 -9.69
CA ASP C 245 -18.21 -8.18 -9.98
C ASP C 245 -17.38 -8.11 -8.70
N CYS C 246 -17.88 -7.44 -7.67
CA CYS C 246 -17.16 -7.39 -6.41
C CYS C 246 -17.06 -8.77 -5.77
N ARG C 247 -18.13 -9.57 -5.86
CA ARG C 247 -18.08 -10.92 -5.33
C ARG C 247 -17.00 -11.75 -6.04
N ASP C 248 -16.91 -11.64 -7.36
CA ASP C 248 -15.89 -12.37 -8.10
C ASP C 248 -14.48 -11.91 -7.71
N ILE C 249 -14.28 -10.60 -7.57
CA ILE C 249 -12.96 -10.09 -7.21
C ILE C 249 -12.55 -10.60 -5.83
N ILE C 250 -13.47 -10.52 -4.86
CA ILE C 250 -13.14 -10.98 -3.51
C ILE C 250 -12.90 -12.48 -3.48
N GLN C 251 -13.67 -13.24 -4.26
CA GLN C 251 -13.47 -14.68 -4.31
C GLN C 251 -12.09 -15.03 -4.87
N ARG C 252 -11.67 -14.33 -5.93
CA ARG C 252 -10.33 -14.57 -6.45
C ARG C 252 -9.25 -14.19 -5.44
N MET C 253 -9.44 -13.07 -4.73
CA MET C 253 -8.46 -12.70 -3.71
C MET C 253 -8.36 -13.74 -2.60
N HIS C 254 -9.51 -14.25 -2.15
CA HIS C 254 -9.50 -15.28 -1.12
C HIS C 254 -8.88 -16.58 -1.63
N LEU C 255 -9.13 -16.95 -2.89
CA LEU C 255 -8.50 -18.12 -3.46
C LEU C 255 -6.97 -17.97 -3.49
N ARG C 256 -6.50 -16.78 -3.86
CA ARG C 256 -5.06 -16.54 -3.83
C ARG C 256 -4.51 -16.56 -2.41
N GLN C 257 -5.32 -16.16 -1.42
CA GLN C 257 -4.86 -16.13 -0.04
C GLN C 257 -4.52 -17.52 0.47
N TYR C 258 -5.35 -18.52 0.14
CA TYR C 258 -5.14 -19.90 0.57
C TYR C 258 -4.20 -20.66 -0.37
N GLU C 259 -3.63 -19.97 -1.37
CA GLU C 259 -2.72 -20.58 -2.33
C GLU C 259 -3.35 -21.76 -3.07
N LEU C 260 -4.62 -21.58 -3.45
CA LEU C 260 -5.26 -22.49 -4.38
C LEU C 260 -5.01 -22.10 -5.84
N LEU C 261 -4.41 -20.94 -6.08
CA LEU C 261 -4.06 -20.51 -7.42
C LEU C 261 -2.59 -20.11 -7.50
N GLU D 33 0.13 42.66 -27.53
CA GLU D 33 0.98 41.69 -28.20
C GLU D 33 1.66 40.76 -27.20
N LEU D 34 1.37 39.46 -27.32
CA LEU D 34 1.98 38.49 -26.41
C LEU D 34 3.42 38.20 -26.79
N ASP D 35 3.76 38.35 -28.07
CA ASP D 35 5.10 38.00 -28.54
C ASP D 35 6.18 38.87 -27.90
N GLN D 36 5.92 40.18 -27.80
CA GLN D 36 6.91 41.08 -27.21
C GLN D 36 7.13 40.76 -25.74
N LEU D 37 6.07 40.46 -24.99
CA LEU D 37 6.22 40.09 -23.59
C LEU D 37 6.97 38.76 -23.46
N ARG D 38 6.65 37.80 -24.32
CA ARG D 38 7.35 36.52 -24.30
C ARG D 38 8.84 36.70 -24.59
N GLN D 39 9.17 37.61 -25.50
CA GLN D 39 10.58 37.91 -25.77
C GLN D 39 11.25 38.57 -24.57
N GLU D 40 10.64 39.62 -24.03
CA GLU D 40 11.20 40.28 -22.86
C GLU D 40 11.45 39.29 -21.73
N ALA D 41 10.57 38.30 -21.60
CA ALA D 41 10.80 37.24 -20.63
C ALA D 41 12.13 36.54 -20.87
N GLU D 42 12.45 36.21 -22.12
CA GLU D 42 13.69 35.48 -22.37
C GLU D 42 14.92 36.36 -22.29
N GLN D 43 14.85 37.64 -22.67
CA GLN D 43 16.02 38.50 -22.41
C GLN D 43 16.25 38.66 -20.91
N LEU D 44 15.19 38.81 -20.12
CA LEU D 44 15.38 38.89 -18.68
C LEU D 44 15.93 37.59 -18.11
N LYS D 45 15.46 36.45 -18.63
CA LYS D 45 16.00 35.15 -18.20
C LYS D 45 17.48 35.04 -18.53
N ASN D 46 17.87 35.50 -19.73
CA ASN D 46 19.28 35.47 -20.11
C ASN D 46 20.11 36.36 -19.20
N GLN D 47 19.59 37.54 -18.85
CA GLN D 47 20.31 38.41 -17.92
C GLN D 47 20.49 37.75 -16.56
N ILE D 48 19.43 37.12 -16.04
CA ILE D 48 19.52 36.45 -14.75
C ILE D 48 20.54 35.31 -14.81
N ARG D 49 20.51 34.52 -15.89
CA ARG D 49 21.44 33.41 -16.02
C ARG D 49 22.88 33.90 -16.13
N ASP D 50 23.10 35.00 -16.87
CA ASP D 50 24.43 35.55 -16.98
C ASP D 50 24.94 36.04 -15.63
N ALA D 51 24.08 36.71 -14.85
CA ALA D 51 24.49 37.15 -13.53
C ALA D 51 24.81 35.96 -12.62
N ARG D 52 23.99 34.91 -12.67
CA ARG D 52 24.24 33.73 -11.85
C ARG D 52 25.55 33.07 -12.25
N LYS D 53 25.83 32.97 -13.55
CA LYS D 53 27.07 32.33 -13.99
C LYS D 53 28.28 33.16 -13.62
N ALA D 54 28.18 34.49 -13.72
CA ALA D 54 29.29 35.35 -13.34
C ALA D 54 29.54 35.32 -11.84
N CYS D 55 28.47 35.14 -11.05
CA CYS D 55 28.61 35.11 -9.60
C CYS D 55 29.25 33.84 -9.08
N ALA D 56 29.28 32.77 -9.87
CA ALA D 56 29.79 31.48 -9.43
C ALA D 56 31.29 31.40 -9.70
N ASP D 57 32.07 31.94 -8.76
CA ASP D 57 33.52 31.88 -8.89
C ASP D 57 34.07 30.51 -8.53
N ALA D 58 33.51 29.87 -7.51
CA ALA D 58 34.02 28.60 -7.02
C ALA D 58 32.83 27.69 -6.67
N THR D 59 33.12 26.57 -6.02
CA THR D 59 32.11 25.60 -5.65
C THR D 59 32.25 25.22 -4.18
N LEU D 60 31.11 24.91 -3.56
CA LEU D 60 31.11 24.53 -2.14
C LEU D 60 31.83 23.22 -1.91
N SER D 61 31.66 22.24 -2.80
CA SER D 61 32.28 20.94 -2.61
C SER D 61 33.80 21.02 -2.61
N GLN D 62 34.37 21.87 -3.47
CA GLN D 62 35.83 22.00 -3.51
C GLN D 62 36.37 22.51 -2.18
N ILE D 63 35.67 23.47 -1.56
CA ILE D 63 36.10 23.98 -0.26
C ILE D 63 35.91 22.93 0.82
N THR D 64 34.76 22.25 0.83
CA THR D 64 34.46 21.29 1.88
C THR D 64 35.22 19.97 1.74
N ASN D 65 35.91 19.74 0.61
CA ASN D 65 36.65 18.50 0.45
C ASN D 65 37.80 18.36 1.44
N ASN D 66 38.20 19.44 2.10
CA ASN D 66 39.33 19.40 3.01
C ASN D 66 38.99 18.84 4.38
N ILE D 67 37.71 18.72 4.72
CA ILE D 67 37.31 18.23 6.03
C ILE D 67 37.18 16.72 6.00
N ASP D 68 37.38 16.09 7.15
CA ASP D 68 37.35 14.64 7.28
C ASP D 68 35.91 14.13 7.22
N PRO D 69 35.70 12.94 6.68
CA PRO D 69 34.34 12.38 6.63
C PRO D 69 33.87 11.93 8.01
N VAL D 70 32.55 11.78 8.14
CA VAL D 70 31.94 11.38 9.40
C VAL D 70 31.90 9.86 9.57
N GLY D 71 32.28 9.10 8.56
CA GLY D 71 32.29 7.65 8.66
C GLY D 71 30.96 7.00 8.33
N ARG D 72 30.61 5.96 9.07
CA ARG D 72 29.38 5.22 8.86
C ARG D 72 28.40 5.52 9.99
N ILE D 73 27.17 5.87 9.64
CA ILE D 73 26.12 6.20 10.60
C ILE D 73 25.16 5.03 10.66
N GLN D 74 25.07 4.38 11.83
CA GLN D 74 24.22 3.21 12.03
C GLN D 74 23.27 3.48 13.18
N MET D 75 21.98 3.54 12.89
CA MET D 75 20.94 3.72 13.89
C MET D 75 20.08 2.47 13.97
N ARG D 76 19.60 2.17 15.17
CA ARG D 76 18.69 1.05 15.41
C ARG D 76 17.36 1.59 15.90
N THR D 77 16.28 0.93 15.50
CA THR D 77 14.94 1.33 15.91
C THR D 77 14.78 1.09 17.40
N ARG D 78 14.22 2.08 18.11
CA ARG D 78 14.04 1.97 19.55
C ARG D 78 12.58 1.84 19.96
N ARG D 79 11.65 2.22 19.08
CA ARG D 79 10.24 2.23 19.43
C ARG D 79 9.42 2.04 18.16
N THR D 80 8.35 1.27 18.26
CA THR D 80 7.40 1.10 17.17
C THR D 80 6.00 1.36 17.70
N LEU D 81 5.16 1.96 16.87
CA LEU D 81 3.82 2.39 17.27
C LEU D 81 2.79 1.76 16.34
N ARG D 82 1.75 1.18 16.93
CA ARG D 82 0.69 0.50 16.18
C ARG D 82 -0.67 1.02 16.61
N GLY D 83 -1.65 0.88 15.73
CA GLY D 83 -3.00 1.32 16.04
C GLY D 83 -3.76 1.90 14.87
N HIS D 84 -3.06 2.32 13.82
CA HIS D 84 -3.72 2.83 12.64
C HIS D 84 -4.17 1.69 11.73
N LEU D 85 -5.26 1.93 11.01
CA LEU D 85 -5.83 0.94 10.11
C LEU D 85 -5.32 1.08 8.68
N ALA D 86 -5.25 2.29 8.15
CA ALA D 86 -4.83 2.55 6.79
C ALA D 86 -3.48 3.28 6.78
N LYS D 87 -3.04 3.67 5.58
CA LYS D 87 -1.73 4.28 5.41
C LYS D 87 -1.67 5.65 6.11
N ILE D 88 -0.45 6.18 6.18
CA ILE D 88 -0.17 7.43 6.89
C ILE D 88 0.47 8.41 5.91
N TYR D 89 -0.07 9.63 5.85
CA TYR D 89 0.46 10.67 5.00
C TYR D 89 1.27 11.73 5.72
N ALA D 90 0.91 12.10 6.96
CA ALA D 90 1.57 13.21 7.62
C ALA D 90 1.72 12.95 9.11
N MET D 91 2.66 13.67 9.71
CA MET D 91 2.89 13.63 11.15
C MET D 91 3.59 14.92 11.55
N HIS D 92 3.69 15.16 12.85
CA HIS D 92 4.34 16.36 13.34
C HIS D 92 4.73 16.18 14.79
N TRP D 93 5.97 16.54 15.12
CA TRP D 93 6.45 16.48 16.50
C TRP D 93 5.96 17.68 17.30
N GLY D 94 6.03 17.55 18.62
CA GLY D 94 5.73 18.66 19.48
C GLY D 94 6.98 19.49 19.79
N THR D 95 6.75 20.70 20.29
CA THR D 95 7.86 21.56 20.67
C THR D 95 8.57 21.08 21.93
N ASP D 96 7.93 20.20 22.70
CA ASP D 96 8.53 19.62 23.89
C ASP D 96 9.30 18.33 23.60
N SER D 97 9.35 17.90 22.35
CA SER D 97 10.13 16.75 21.90
C SER D 97 9.70 15.45 22.57
N ARG D 98 8.47 15.39 23.07
CA ARG D 98 7.97 14.18 23.72
C ARG D 98 6.72 13.61 23.04
N LEU D 99 5.77 14.46 22.66
CA LEU D 99 4.53 14.03 22.04
C LEU D 99 4.56 14.29 20.54
N LEU D 100 3.69 13.56 19.82
CA LEU D 100 3.53 13.77 18.39
C LEU D 100 2.10 13.38 18.00
N VAL D 101 1.71 13.80 16.80
CA VAL D 101 0.37 13.57 16.28
C VAL D 101 0.49 12.97 14.88
N SER D 102 -0.36 12.00 14.58
CA SER D 102 -0.37 11.34 13.28
C SER D 102 -1.78 11.25 12.74
N ALA D 103 -1.92 11.40 11.43
CA ALA D 103 -3.21 11.34 10.74
C ALA D 103 -3.20 10.16 9.78
N SER D 104 -4.32 9.45 9.72
CA SER D 104 -4.41 8.25 8.90
C SER D 104 -5.61 8.32 7.98
N GLN D 105 -5.55 7.55 6.90
CA GLN D 105 -6.55 7.61 5.83
C GLN D 105 -7.88 6.96 6.19
N ASP D 106 -7.96 6.25 7.33
CA ASP D 106 -9.25 5.71 7.75
C ASP D 106 -10.09 6.73 8.51
N GLY D 107 -9.62 7.96 8.64
CA GLY D 107 -10.37 9.01 9.30
C GLY D 107 -10.05 9.12 10.78
N LYS D 108 -8.77 9.11 11.13
CA LYS D 108 -8.35 9.12 12.52
C LYS D 108 -7.14 10.04 12.70
N LEU D 109 -7.10 10.69 13.87
CA LEU D 109 -5.99 11.57 14.25
C LEU D 109 -5.60 11.18 15.67
N ILE D 110 -4.42 10.60 15.83
CA ILE D 110 -4.00 10.01 17.10
C ILE D 110 -2.79 10.76 17.63
N ILE D 111 -2.84 11.14 18.90
CA ILE D 111 -1.73 11.77 19.60
C ILE D 111 -1.06 10.72 20.48
N TRP D 112 0.25 10.58 20.33
CA TRP D 112 1.00 9.53 21.02
C TRP D 112 1.78 10.10 22.21
N ASP D 113 2.53 9.21 22.85
CA ASP D 113 3.49 9.57 23.90
C ASP D 113 4.69 8.66 23.68
N SER D 114 5.68 9.16 22.94
CA SER D 114 6.76 8.31 22.46
C SER D 114 7.62 7.74 23.58
N TYR D 115 7.58 8.34 24.78
CA TYR D 115 8.41 7.85 25.88
C TYR D 115 7.91 6.51 26.39
N THR D 116 6.60 6.37 26.60
CA THR D 116 6.03 5.16 27.17
C THR D 116 5.11 4.43 26.20
N THR D 117 5.02 4.88 24.94
CA THR D 117 4.30 4.21 23.86
C THR D 117 2.79 4.36 24.06
N ASN D 118 2.37 4.90 25.20
CA ASN D 118 0.96 5.17 25.43
C ASN D 118 0.48 6.27 24.50
N LYS D 119 -0.83 6.30 24.28
CA LYS D 119 -1.46 7.27 23.40
C LYS D 119 -2.65 7.92 24.08
N VAL D 120 -2.76 9.24 23.93
CA VAL D 120 -3.59 10.06 24.81
C VAL D 120 -4.93 10.40 24.17
N HIS D 121 -4.92 10.89 22.93
CA HIS D 121 -6.14 11.34 22.28
C HIS D 121 -6.30 10.64 20.94
N ALA D 122 -7.56 10.33 20.61
CA ALA D 122 -7.91 9.80 19.29
C ALA D 122 -9.15 10.54 18.82
N ILE D 123 -9.03 11.25 17.71
CA ILE D 123 -10.07 12.14 17.20
C ILE D 123 -10.56 11.59 15.86
N PRO D 124 -11.87 11.42 15.67
CA PRO D 124 -12.38 11.02 14.35
C PRO D 124 -12.68 12.22 13.47
N LEU D 125 -12.28 12.15 12.21
CA LEU D 125 -12.45 13.26 11.28
C LEU D 125 -13.80 13.18 10.59
N ARG D 126 -14.24 14.33 10.06
CA ARG D 126 -15.49 14.38 9.29
C ARG D 126 -15.33 13.65 7.96
N SER D 127 -14.18 13.83 7.30
CA SER D 127 -13.91 13.23 6.01
C SER D 127 -12.78 12.21 6.13
N SER D 128 -12.94 11.07 5.48
CA SER D 128 -11.95 10.01 5.58
C SER D 128 -10.66 10.37 4.86
N TRP D 129 -10.68 11.35 3.98
CA TRP D 129 -9.52 11.71 3.16
C TRP D 129 -8.80 12.88 3.80
N VAL D 130 -7.63 12.61 4.36
CA VAL D 130 -6.81 13.62 5.03
C VAL D 130 -5.39 13.53 4.48
N MET D 131 -4.78 14.69 4.22
CA MET D 131 -3.46 14.74 3.61
C MET D 131 -2.41 15.44 4.46
N THR D 132 -2.79 16.11 5.53
CA THR D 132 -1.81 16.90 6.29
C THR D 132 -2.28 17.04 7.73
N CYS D 133 -1.34 17.41 8.59
CA CYS D 133 -1.63 17.69 10.00
C CYS D 133 -0.58 18.64 10.54
N ALA D 134 -0.91 19.29 11.64
CA ALA D 134 -0.01 20.24 12.27
C ALA D 134 -0.30 20.26 13.77
N TYR D 135 0.71 20.67 14.55
CA TYR D 135 0.60 20.71 15.99
C TYR D 135 1.04 22.09 16.46
N ALA D 136 0.23 22.72 17.29
CA ALA D 136 0.46 24.12 17.64
C ALA D 136 1.77 24.30 18.41
N PRO D 137 2.42 25.45 18.27
CA PRO D 137 3.66 25.69 19.03
C PRO D 137 3.45 25.63 20.53
N SER D 138 2.27 26.01 21.03
CA SER D 138 1.98 25.93 22.46
C SER D 138 1.31 24.63 22.85
N GLY D 139 0.97 23.77 21.89
CA GLY D 139 0.35 22.49 22.19
C GLY D 139 -1.14 22.52 22.44
N ASN D 140 -1.77 23.70 22.38
CA ASN D 140 -3.18 23.81 22.67
C ASN D 140 -4.06 23.32 21.54
N TYR D 141 -3.63 23.49 20.29
CA TYR D 141 -4.48 23.24 19.13
C TYR D 141 -3.81 22.26 18.17
N VAL D 142 -4.65 21.63 17.34
CA VAL D 142 -4.19 20.76 16.27
C VAL D 142 -4.97 21.15 15.02
N ALA D 143 -4.41 20.85 13.84
CA ALA D 143 -5.06 21.20 12.59
C ALA D 143 -4.97 20.03 11.62
N CYS D 144 -5.91 20.00 10.68
CA CYS D 144 -5.94 18.94 9.67
C CYS D 144 -6.67 19.45 8.43
N GLY D 145 -6.49 18.72 7.33
CA GLY D 145 -7.13 19.08 6.08
C GLY D 145 -6.88 18.01 5.03
N GLY D 146 -7.55 18.16 3.89
CA GLY D 146 -7.43 17.19 2.83
C GLY D 146 -8.26 17.49 1.59
N LEU D 147 -8.82 16.45 0.98
CA LEU D 147 -9.58 16.62 -0.26
C LEU D 147 -10.89 17.38 -0.06
N ASP D 148 -11.32 17.59 1.19
CA ASP D 148 -12.58 18.27 1.44
C ASP D 148 -12.49 19.78 1.28
N ASN D 149 -11.30 20.33 1.03
CA ASN D 149 -11.06 21.75 0.83
C ASN D 149 -11.36 22.58 2.07
N ILE D 150 -11.38 21.96 3.24
CA ILE D 150 -11.70 22.63 4.50
C ILE D 150 -10.56 22.38 5.48
N CYS D 151 -10.15 23.41 6.21
CA CYS D 151 -9.14 23.27 7.23
C CYS D 151 -9.82 23.21 8.59
N SER D 152 -9.57 22.15 9.35
CA SER D 152 -10.23 21.94 10.63
C SER D 152 -9.23 22.16 11.77
N ILE D 153 -9.65 22.92 12.77
CA ILE D 153 -8.82 23.21 13.95
C ILE D 153 -9.51 22.63 15.17
N TYR D 154 -8.79 21.79 15.91
CA TYR D 154 -9.29 21.10 17.08
C TYR D 154 -8.61 21.60 18.34
N ASN D 155 -9.39 21.70 19.41
CA ASN D 155 -8.93 22.20 20.71
C ASN D 155 -8.60 21.03 21.62
N LEU D 156 -7.45 21.10 22.28
CA LEU D 156 -7.00 20.02 23.15
C LEU D 156 -7.17 20.31 24.63
N LYS D 157 -7.40 21.57 25.01
CA LYS D 157 -7.45 21.98 26.42
C LYS D 157 -8.83 22.48 26.80
N THR D 158 -9.88 21.79 26.37
CA THR D 158 -11.24 22.18 26.71
C THR D 158 -11.48 22.01 28.21
N ARG D 159 -12.41 22.83 28.73
CA ARG D 159 -12.75 22.72 30.14
C ARG D 159 -13.38 21.38 30.46
N GLU D 160 -14.22 20.86 29.56
CA GLU D 160 -14.81 19.53 29.76
C GLU D 160 -13.74 18.46 29.77
N GLY D 161 -12.73 18.57 28.89
CA GLY D 161 -11.63 17.63 28.81
C GLY D 161 -11.54 16.92 27.48
N ASN D 162 -12.66 16.82 26.75
CA ASN D 162 -12.67 16.15 25.47
C ASN D 162 -12.16 17.08 24.37
N VAL D 163 -11.93 16.50 23.20
CA VAL D 163 -11.50 17.27 22.04
C VAL D 163 -12.73 17.69 21.24
N ARG D 164 -12.81 18.98 20.93
CA ARG D 164 -13.93 19.53 20.20
C ARG D 164 -13.42 20.38 19.05
N VAL D 165 -14.15 20.33 17.93
CA VAL D 165 -13.80 21.14 16.77
C VAL D 165 -14.08 22.59 17.08
N SER D 166 -13.13 23.47 16.75
CA SER D 166 -13.21 24.88 17.09
C SER D 166 -13.49 25.77 15.90
N ARG D 167 -12.85 25.50 14.76
CA ARG D 167 -12.98 26.38 13.61
C ARG D 167 -12.79 25.58 12.33
N GLU D 168 -13.58 25.92 11.32
CA GLU D 168 -13.47 25.38 9.97
C GLU D 168 -13.18 26.53 9.02
N LEU D 169 -11.96 26.58 8.50
CA LEU D 169 -11.54 27.58 7.55
C LEU D 169 -11.87 27.11 6.13
N ALA D 170 -12.65 27.92 5.42
CA ALA D 170 -13.11 27.62 4.07
C ALA D 170 -12.81 28.78 3.14
N GLY D 171 -12.69 28.48 1.86
CA GLY D 171 -12.41 29.50 0.86
C GLY D 171 -11.49 29.04 -0.25
N HIS D 172 -10.83 27.90 -0.04
CA HIS D 172 -9.96 27.35 -1.06
C HIS D 172 -10.77 26.58 -2.10
N THR D 173 -10.14 26.36 -3.26
CA THR D 173 -10.76 25.62 -4.35
C THR D 173 -10.25 24.20 -4.46
N GLY D 174 -8.93 24.02 -4.51
CA GLY D 174 -8.34 22.69 -4.56
C GLY D 174 -8.06 22.13 -3.17
N TYR D 175 -7.56 20.90 -3.16
CA TYR D 175 -7.25 20.22 -1.92
C TYR D 175 -6.09 20.91 -1.20
N LEU D 176 -6.13 20.89 0.12
CA LEU D 176 -5.04 21.41 0.93
C LEU D 176 -3.89 20.40 0.98
N SER D 177 -2.67 20.89 0.83
CA SER D 177 -1.49 20.01 0.83
C SER D 177 -0.63 20.16 2.07
N CYS D 178 -0.58 21.35 2.67
CA CYS D 178 0.24 21.57 3.86
C CYS D 178 -0.34 22.72 4.66
N CYS D 179 -0.12 22.70 5.98
CA CYS D 179 -0.55 23.75 6.87
C CYS D 179 0.42 23.84 8.05
N ARG D 180 0.80 25.06 8.40
CA ARG D 180 1.76 25.28 9.47
C ARG D 180 1.32 26.46 10.32
N PHE D 181 1.44 26.32 11.63
CA PHE D 181 1.05 27.37 12.56
C PHE D 181 2.13 28.43 12.66
N LEU D 182 1.71 29.69 12.69
CA LEU D 182 2.59 30.80 13.05
C LEU D 182 2.49 31.13 14.53
N ASP D 183 1.27 31.25 15.05
CA ASP D 183 1.00 31.39 16.47
C ASP D 183 -0.36 30.77 16.74
N ASP D 184 -0.94 31.07 17.89
CA ASP D 184 -2.26 30.56 18.23
C ASP D 184 -3.39 31.36 17.59
N ASN D 185 -3.08 32.31 16.71
CA ASN D 185 -4.11 33.10 16.04
C ASN D 185 -3.97 33.14 14.52
N GLN D 186 -2.85 32.71 13.97
CA GLN D 186 -2.62 32.74 12.53
C GLN D 186 -2.14 31.37 12.05
N ILE D 187 -2.38 31.10 10.76
CA ILE D 187 -1.98 29.84 10.15
C ILE D 187 -1.86 30.07 8.64
N VAL D 188 -0.83 29.48 8.05
CA VAL D 188 -0.56 29.60 6.62
C VAL D 188 -0.79 28.25 5.97
N THR D 189 -1.54 28.25 4.86
CA THR D 189 -1.90 27.02 4.16
C THR D 189 -1.56 27.12 2.69
N SER D 190 -1.33 25.97 2.06
CA SER D 190 -1.09 25.86 0.63
C SER D 190 -2.08 24.88 0.03
N SER D 191 -2.68 25.26 -1.10
CA SER D 191 -3.75 24.46 -1.69
C SER D 191 -3.35 24.02 -3.09
N GLY D 192 -4.13 23.08 -3.62
CA GLY D 192 -4.02 22.66 -5.00
C GLY D 192 -4.59 23.65 -5.99
N ASP D 193 -5.11 24.76 -5.51
CA ASP D 193 -5.55 25.89 -6.33
C ASP D 193 -4.37 26.69 -6.88
N THR D 194 -3.14 26.16 -6.76
CA THR D 194 -1.91 26.86 -7.10
C THR D 194 -1.73 28.14 -6.28
N THR D 195 -2.22 28.16 -5.04
CA THR D 195 -2.19 29.35 -4.21
C THR D 195 -1.82 29.00 -2.78
N CYS D 196 -1.41 30.02 -2.05
CA CYS D 196 -1.21 29.94 -0.60
C CYS D 196 -1.99 31.07 0.05
N ALA D 197 -2.31 30.88 1.33
CA ALA D 197 -3.12 31.87 2.03
C ALA D 197 -2.70 31.94 3.49
N LEU D 198 -2.96 33.09 4.10
CA LEU D 198 -2.75 33.30 5.53
C LEU D 198 -4.09 33.64 6.17
N TRP D 199 -4.45 32.92 7.22
CA TRP D 199 -5.77 33.01 7.81
C TRP D 199 -5.72 33.73 9.16
N ASP D 200 -6.91 34.01 9.68
CA ASP D 200 -7.10 34.59 11.00
C ASP D 200 -8.08 33.70 11.75
N ILE D 201 -7.55 32.91 12.69
CA ILE D 201 -8.34 31.85 13.31
C ILE D 201 -9.56 32.40 14.04
N GLU D 202 -9.43 33.57 14.67
CA GLU D 202 -10.55 34.15 15.40
C GLU D 202 -11.70 34.49 14.47
N THR D 203 -11.40 35.01 13.28
CA THR D 203 -12.42 35.42 12.32
C THR D 203 -12.61 34.44 11.18
N GLY D 204 -11.59 33.68 10.82
CA GLY D 204 -11.71 32.72 9.73
C GLY D 204 -11.77 33.33 8.35
N GLN D 205 -10.95 34.33 8.08
CA GLN D 205 -10.88 34.96 6.77
C GLN D 205 -9.42 35.14 6.36
N GLN D 206 -9.19 35.14 5.05
CA GLN D 206 -7.83 35.27 4.52
C GLN D 206 -7.37 36.72 4.62
N THR D 207 -6.33 36.96 5.42
CA THR D 207 -5.73 38.29 5.48
C THR D 207 -4.91 38.58 4.23
N THR D 208 -4.18 37.57 3.73
CA THR D 208 -3.30 37.76 2.58
C THR D 208 -3.30 36.46 1.77
N THR D 209 -3.16 36.60 0.45
CA THR D 209 -3.07 35.48 -0.46
C THR D 209 -1.82 35.62 -1.33
N PHE D 210 -1.14 34.50 -1.55
CA PHE D 210 0.07 34.46 -2.36
C PHE D 210 -0.20 33.64 -3.62
N THR D 211 0.02 34.25 -4.77
CA THR D 211 -0.21 33.64 -6.08
C THR D 211 0.99 33.89 -6.96
N GLY D 212 1.12 33.07 -8.01
CA GLY D 212 2.23 33.20 -8.93
C GLY D 212 2.74 31.87 -9.44
N HIS D 213 2.42 30.78 -8.74
CA HIS D 213 2.80 29.47 -9.22
C HIS D 213 1.93 29.06 -10.40
N THR D 214 2.40 28.04 -11.13
CA THR D 214 1.66 27.52 -12.27
C THR D 214 0.97 26.20 -11.99
N GLY D 215 1.59 25.32 -11.22
CA GLY D 215 1.02 24.05 -10.86
C GLY D 215 0.67 23.94 -9.39
N ASP D 216 0.42 22.71 -8.97
CA ASP D 216 0.06 22.45 -7.58
C ASP D 216 1.21 22.79 -6.65
N VAL D 217 0.87 23.40 -5.51
CA VAL D 217 1.88 23.67 -4.47
C VAL D 217 1.91 22.49 -3.51
N MET D 218 3.09 21.90 -3.34
CA MET D 218 3.20 20.62 -2.65
C MET D 218 3.53 20.75 -1.18
N SER D 219 4.46 21.64 -0.83
CA SER D 219 4.88 21.75 0.57
C SER D 219 5.42 23.15 0.83
N LEU D 220 5.45 23.51 2.11
CA LEU D 220 6.00 24.77 2.56
C LEU D 220 6.75 24.55 3.87
N SER D 221 7.53 25.55 4.27
CA SER D 221 8.27 25.48 5.52
C SER D 221 8.52 26.89 6.03
N LEU D 222 8.37 27.08 7.33
CA LEU D 222 8.56 28.39 7.96
C LEU D 222 10.01 28.58 8.37
N ALA D 223 10.48 29.81 8.27
CA ALA D 223 11.81 30.16 8.72
C ALA D 223 11.89 30.09 10.24
N PRO D 224 13.10 29.94 10.80
CA PRO D 224 13.23 29.93 12.26
C PRO D 224 12.72 31.20 12.93
N ASP D 225 12.83 32.35 12.26
CA ASP D 225 12.32 33.61 12.79
C ASP D 225 10.86 33.86 12.42
N THR D 226 10.24 32.96 11.65
CA THR D 226 8.86 33.11 11.19
C THR D 226 8.65 34.46 10.49
N ARG D 227 9.59 34.81 9.61
CA ARG D 227 9.55 36.07 8.88
C ARG D 227 9.38 35.87 7.37
N LEU D 228 9.94 34.80 6.82
CA LEU D 228 9.78 34.42 5.42
C LEU D 228 9.48 32.93 5.34
N PHE D 229 9.02 32.49 4.18
CA PHE D 229 8.83 31.05 4.00
C PHE D 229 8.94 30.68 2.53
N VAL D 230 9.37 29.46 2.26
CA VAL D 230 9.57 28.97 0.90
C VAL D 230 8.45 28.02 0.53
N SER D 231 8.22 27.89 -0.77
CA SER D 231 7.16 27.02 -1.26
C SER D 231 7.58 26.40 -2.59
N GLY D 232 7.37 25.10 -2.72
CA GLY D 232 7.73 24.36 -3.92
C GLY D 232 6.48 23.89 -4.66
N ALA D 233 6.51 23.97 -5.98
CA ALA D 233 5.35 23.65 -6.80
C ALA D 233 5.67 22.48 -7.73
N CYS D 234 4.63 22.01 -8.42
CA CYS D 234 4.76 20.97 -9.42
C CYS D 234 5.21 21.50 -10.77
N ASP D 235 5.70 22.73 -10.81
CA ASP D 235 6.26 23.33 -12.01
C ASP D 235 7.79 23.26 -11.97
N ALA D 236 8.34 22.42 -11.09
CA ALA D 236 9.79 22.35 -10.87
C ALA D 236 10.35 23.71 -10.50
N SER D 237 9.70 24.38 -9.55
CA SER D 237 10.09 25.73 -9.17
C SER D 237 9.80 25.96 -7.70
N ALA D 238 10.72 26.67 -7.03
CA ALA D 238 10.55 27.08 -5.65
C ALA D 238 10.52 28.59 -5.57
N LYS D 239 9.81 29.13 -4.59
CA LYS D 239 9.66 30.57 -4.43
C LYS D 239 9.84 30.95 -2.97
N LEU D 240 10.33 32.16 -2.73
CA LEU D 240 10.52 32.69 -1.39
C LEU D 240 9.53 33.84 -1.17
N TRP D 241 8.61 33.64 -0.23
CA TRP D 241 7.54 34.59 0.07
C TRP D 241 7.79 35.28 1.39
N ASP D 242 7.37 36.54 1.45
CA ASP D 242 7.43 37.36 2.66
C ASP D 242 6.04 37.41 3.28
N VAL D 243 5.96 37.10 4.57
CA VAL D 243 4.66 36.93 5.22
C VAL D 243 3.90 38.26 5.30
N ARG D 244 4.57 39.31 5.76
CA ARG D 244 3.86 40.57 6.00
C ARG D 244 3.58 41.34 4.71
N GLU D 245 4.51 41.30 3.75
CA GLU D 245 4.37 42.11 2.55
C GLU D 245 3.35 41.50 1.60
N GLY D 246 3.52 40.22 1.26
CA GLY D 246 2.64 39.56 0.32
C GLY D 246 3.16 39.44 -1.09
N MET D 247 4.47 39.62 -1.30
CA MET D 247 5.07 39.55 -2.62
C MET D 247 6.09 38.43 -2.68
N CYS D 248 6.39 37.99 -3.89
CA CYS D 248 7.41 36.96 -4.13
C CYS D 248 8.75 37.66 -4.29
N ARG D 249 9.66 37.43 -3.36
CA ARG D 249 10.96 38.11 -3.39
C ARG D 249 11.87 37.51 -4.47
N GLN D 250 11.96 36.20 -4.55
CA GLN D 250 12.85 35.55 -5.51
C GLN D 250 12.39 34.12 -5.74
N THR D 251 12.88 33.55 -6.85
CA THR D 251 12.51 32.21 -7.28
C THR D 251 13.74 31.41 -7.64
N PHE D 252 13.62 30.09 -7.54
CA PHE D 252 14.70 29.15 -7.81
C PHE D 252 14.21 28.05 -8.74
N THR D 253 15.04 27.73 -9.73
CA THR D 253 14.79 26.67 -10.69
C THR D 253 16.05 25.82 -10.81
N GLY D 254 15.93 24.68 -11.48
CA GLY D 254 17.06 23.77 -11.61
C GLY D 254 16.68 22.31 -11.56
N HIS D 255 15.43 22.02 -11.24
CA HIS D 255 14.93 20.66 -11.22
C HIS D 255 14.30 20.31 -12.55
N GLU D 256 13.89 19.04 -12.68
CA GLU D 256 13.31 18.52 -13.91
C GLU D 256 11.93 17.92 -13.75
N SER D 257 11.37 17.90 -12.55
CA SER D 257 10.08 17.27 -12.34
C SER D 257 9.43 17.91 -11.11
N ASP D 258 8.35 17.31 -10.63
CA ASP D 258 7.61 17.86 -9.51
C ASP D 258 8.44 17.81 -8.23
N ILE D 259 8.21 18.78 -7.35
CA ILE D 259 8.94 18.91 -6.09
C ILE D 259 8.03 18.43 -4.97
N ASN D 260 8.52 17.49 -4.15
CA ASN D 260 7.69 16.86 -3.13
C ASN D 260 7.98 17.33 -1.71
N ALA D 261 9.20 17.79 -1.43
CA ALA D 261 9.56 18.16 -0.07
C ALA D 261 10.54 19.34 -0.09
N ILE D 262 10.59 20.05 1.03
CA ILE D 262 11.47 21.21 1.18
C ILE D 262 11.59 21.52 2.67
N CYS D 263 12.74 22.05 3.08
CA CYS D 263 12.98 22.40 4.47
C CYS D 263 14.20 23.30 4.55
N PHE D 264 14.19 24.21 5.54
CA PHE D 264 15.29 25.14 5.73
C PHE D 264 16.47 24.50 6.43
N PHE D 265 17.66 24.98 6.09
CA PHE D 265 18.84 24.77 6.91
C PHE D 265 18.61 25.44 8.27
N PRO D 266 19.10 24.86 9.36
CA PRO D 266 18.88 25.47 10.69
C PRO D 266 19.47 26.86 10.83
N ASN D 267 20.43 27.24 9.99
CA ASN D 267 20.93 28.62 10.02
C ASN D 267 19.89 29.60 9.50
N GLY D 268 19.07 29.17 8.53
CA GLY D 268 18.08 30.05 7.92
C GLY D 268 18.53 30.76 6.67
N ASN D 269 19.66 30.36 6.08
CA ASN D 269 20.15 30.97 4.85
C ASN D 269 20.26 29.96 3.70
N ALA D 270 19.61 28.82 3.81
CA ALA D 270 19.68 27.80 2.76
C ALA D 270 18.52 26.83 2.96
N PHE D 271 18.30 26.00 1.94
CA PHE D 271 17.28 24.97 2.03
C PHE D 271 17.61 23.84 1.06
N ALA D 272 16.89 22.73 1.23
CA ALA D 272 17.09 21.53 0.43
C ALA D 272 15.79 21.14 -0.25
N THR D 273 15.89 20.69 -1.49
CA THR D 273 14.74 20.37 -2.32
C THR D 273 14.84 18.94 -2.83
N GLY D 274 13.74 18.22 -2.76
CA GLY D 274 13.64 16.86 -3.27
C GLY D 274 12.53 16.75 -4.30
N SER D 275 12.84 16.11 -5.43
CA SER D 275 11.93 16.04 -6.56
C SER D 275 11.74 14.59 -6.98
N ASP D 276 11.04 14.40 -8.11
CA ASP D 276 10.72 13.07 -8.62
C ASP D 276 11.74 12.55 -9.63
N ASP D 277 12.79 13.31 -9.92
CA ASP D 277 13.85 12.85 -10.81
C ASP D 277 14.96 12.11 -10.05
N ALA D 278 14.70 11.69 -8.81
CA ALA D 278 15.63 10.92 -8.00
C ALA D 278 16.90 11.70 -7.67
N THR D 279 16.78 13.02 -7.47
CA THR D 279 17.91 13.85 -7.08
C THR D 279 17.47 14.83 -6.02
N CYS D 280 18.38 15.13 -5.08
CA CYS D 280 18.19 16.20 -4.12
C CYS D 280 19.10 17.36 -4.49
N ARG D 281 18.72 18.57 -4.11
CA ARG D 281 19.51 19.74 -4.44
C ARG D 281 19.53 20.69 -3.25
N LEU D 282 20.59 21.49 -3.15
CA LEU D 282 20.75 22.43 -2.05
C LEU D 282 20.88 23.84 -2.61
N PHE D 283 19.98 24.73 -2.18
CA PHE D 283 19.98 26.12 -2.62
C PHE D 283 20.29 27.03 -1.43
N ASP D 284 20.81 28.22 -1.74
CA ASP D 284 21.07 29.24 -0.74
C ASP D 284 20.40 30.54 -1.16
N LEU D 285 19.93 31.30 -0.17
CA LEU D 285 19.18 32.52 -0.47
C LEU D 285 20.08 33.64 -0.96
N ARG D 286 21.24 33.82 -0.32
CA ARG D 286 22.08 34.97 -0.65
C ARG D 286 22.73 34.83 -2.02
N ALA D 287 23.24 33.65 -2.34
CA ALA D 287 23.84 33.43 -3.66
C ALA D 287 22.81 33.31 -4.77
N ASP D 288 21.56 32.97 -4.42
CA ASP D 288 20.45 32.90 -5.37
C ASP D 288 20.75 31.89 -6.49
N GLN D 289 21.35 30.76 -6.12
CA GLN D 289 21.70 29.73 -7.08
C GLN D 289 21.93 28.41 -6.33
N GLU D 290 22.34 27.38 -7.06
CA GLU D 290 22.50 26.04 -6.53
C GLU D 290 23.92 25.82 -6.02
N LEU D 291 24.04 24.94 -5.01
CA LEU D 291 25.33 24.61 -4.44
C LEU D 291 25.72 23.15 -4.67
N MET D 292 24.90 22.20 -4.25
CA MET D 292 25.21 20.78 -4.40
C MET D 292 24.00 20.01 -4.92
N THR D 293 24.30 18.91 -5.59
CA THR D 293 23.32 17.93 -6.04
C THR D 293 23.67 16.58 -5.44
N TYR D 294 22.70 15.94 -4.81
CA TYR D 294 22.85 14.65 -4.15
C TYR D 294 22.12 13.61 -4.99
N SER D 295 22.88 12.72 -5.63
CA SER D 295 22.30 11.73 -6.53
C SER D 295 23.23 10.54 -6.63
N HIS D 296 22.69 9.43 -7.15
CA HIS D 296 23.44 8.22 -7.36
C HIS D 296 22.89 7.50 -8.59
N ASP D 297 23.72 6.63 -9.16
CA ASP D 297 23.33 5.90 -10.36
C ASP D 297 22.39 4.74 -10.08
N ASN D 298 22.32 4.28 -8.84
CA ASN D 298 21.50 3.12 -8.48
C ASN D 298 20.05 3.50 -8.23
N ILE D 299 19.74 4.78 -8.04
CA ILE D 299 18.43 5.23 -7.62
C ILE D 299 17.66 5.73 -8.84
N ILE D 300 16.45 5.22 -9.03
CA ILE D 300 15.59 5.62 -10.14
C ILE D 300 14.21 5.99 -9.60
N CYS D 301 14.12 6.20 -8.29
CA CYS D 301 12.86 6.51 -7.63
C CYS D 301 12.92 7.86 -6.96
N GLY D 302 11.77 8.54 -6.90
CA GLY D 302 11.72 9.89 -6.39
C GLY D 302 11.80 9.96 -4.87
N ILE D 303 11.89 11.19 -4.38
CA ILE D 303 12.02 11.48 -2.95
C ILE D 303 10.70 12.03 -2.44
N THR D 304 10.26 11.55 -1.29
CA THR D 304 8.98 11.96 -0.72
C THR D 304 9.11 12.76 0.58
N SER D 305 10.28 12.74 1.23
CA SER D 305 10.45 13.46 2.47
C SER D 305 11.93 13.85 2.62
N VAL D 306 12.16 15.08 3.09
CA VAL D 306 13.49 15.62 3.28
C VAL D 306 13.55 16.29 4.65
N SER D 307 14.63 16.03 5.39
CA SER D 307 14.80 16.67 6.68
C SER D 307 16.29 16.85 6.96
N PHE D 308 16.59 17.77 7.87
CA PHE D 308 17.96 18.09 8.27
C PHE D 308 18.22 17.62 9.69
N SER D 309 19.44 17.87 10.15
CA SER D 309 19.84 17.56 11.51
C SER D 309 19.96 18.85 12.32
N LYS D 310 20.19 18.70 13.63
CA LYS D 310 20.29 19.85 14.50
C LYS D 310 21.50 20.72 14.14
N SER D 311 22.62 20.08 13.81
CA SER D 311 23.82 20.79 13.41
C SER D 311 23.91 21.04 11.91
N GLY D 312 22.98 20.50 11.13
CA GLY D 312 22.98 20.68 9.69
C GLY D 312 24.00 19.86 8.93
N ARG D 313 24.63 18.86 9.57
CA ARG D 313 25.64 18.07 8.91
C ARG D 313 25.05 16.89 8.14
N LEU D 314 23.91 16.37 8.58
CA LEU D 314 23.30 15.21 7.96
C LEU D 314 21.98 15.60 7.29
N LEU D 315 21.72 15.02 6.13
CA LEU D 315 20.48 15.25 5.39
C LEU D 315 19.78 13.91 5.20
N LEU D 316 18.61 13.76 5.81
CA LEU D 316 17.85 12.51 5.72
C LEU D 316 16.81 12.63 4.62
N ALA D 317 16.77 11.63 3.74
CA ALA D 317 15.87 11.64 2.59
C ALA D 317 15.15 10.30 2.49
N GLY D 318 13.84 10.35 2.28
CA GLY D 318 13.04 9.15 2.10
C GLY D 318 12.64 8.95 0.65
N TYR D 319 12.73 7.71 0.20
CA TYR D 319 12.51 7.36 -1.20
C TYR D 319 11.28 6.48 -1.34
N ASP D 320 10.99 6.10 -2.59
CA ASP D 320 9.89 5.18 -2.90
C ASP D 320 10.34 3.72 -2.92
N ASP D 321 11.65 3.45 -2.81
CA ASP D 321 12.17 2.09 -2.85
C ASP D 321 12.18 1.43 -1.48
N PHE D 322 11.34 1.90 -0.56
CA PHE D 322 11.06 1.36 0.76
C PHE D 322 12.16 1.67 1.78
N ASN D 323 13.15 2.50 1.44
CA ASN D 323 14.29 2.76 2.31
C ASN D 323 14.44 4.26 2.52
N CYS D 324 15.47 4.62 3.28
CA CYS D 324 15.86 6.01 3.50
C CYS D 324 17.37 6.11 3.47
N ASN D 325 17.86 7.32 3.22
CA ASN D 325 19.29 7.55 3.08
C ASN D 325 19.71 8.76 3.90
N VAL D 326 20.97 8.75 4.33
CA VAL D 326 21.56 9.82 5.12
C VAL D 326 22.76 10.34 4.35
N TRP D 327 22.63 11.53 3.78
CA TRP D 327 23.71 12.14 3.02
C TRP D 327 24.51 13.10 3.89
N ASP D 328 25.82 13.13 3.63
CA ASP D 328 26.69 14.12 4.23
C ASP D 328 26.50 15.45 3.51
N ALA D 329 25.96 16.44 4.21
CA ALA D 329 25.56 17.69 3.57
C ALA D 329 26.73 18.48 3.03
N LEU D 330 27.96 18.15 3.40
CA LEU D 330 29.13 18.86 2.89
C LEU D 330 30.02 18.00 2.00
N LYS D 331 29.67 16.73 1.78
CA LYS D 331 30.47 15.85 0.94
C LYS D 331 29.68 15.07 -0.09
N ALA D 332 28.34 15.07 -0.02
CA ALA D 332 27.49 14.40 -1.00
C ALA D 332 27.76 12.90 -1.06
N ASP D 333 28.15 12.33 0.08
CA ASP D 333 28.44 10.90 0.18
C ASP D 333 27.46 10.25 1.16
N ARG D 334 26.84 9.17 0.72
CA ARG D 334 25.88 8.45 1.57
C ARG D 334 26.62 7.82 2.75
N ALA D 335 26.02 7.92 3.94
CA ALA D 335 26.66 7.44 5.16
C ALA D 335 25.78 6.48 5.96
N GLY D 336 24.70 5.98 5.39
CA GLY D 336 23.87 5.02 6.10
C GLY D 336 22.58 4.77 5.35
N VAL D 337 21.86 3.74 5.80
CA VAL D 337 20.57 3.34 5.24
C VAL D 337 19.64 3.02 6.40
N LEU D 338 18.34 3.23 6.19
CA LEU D 338 17.30 2.91 7.16
C LEU D 338 16.29 1.99 6.46
N ALA D 339 16.54 0.68 6.55
CA ALA D 339 15.80 -0.32 5.80
C ALA D 339 14.80 -1.09 6.67
N GLY D 340 14.15 -0.40 7.59
CA GLY D 340 13.20 -1.04 8.48
C GLY D 340 11.78 -1.10 8.00
N HIS D 341 11.48 -0.53 6.83
CA HIS D 341 10.11 -0.47 6.32
C HIS D 341 9.97 -1.36 5.09
N ASP D 342 8.79 -1.96 4.93
CA ASP D 342 8.51 -2.84 3.79
C ASP D 342 7.49 -2.23 2.83
N ASN D 343 7.32 -0.91 2.87
CA ASN D 343 6.44 -0.23 1.92
C ASN D 343 6.95 1.20 1.74
N ARG D 344 6.16 2.02 1.05
CA ARG D 344 6.57 3.37 0.73
C ARG D 344 6.66 4.22 2.01
N VAL D 345 7.70 5.05 2.07
CA VAL D 345 7.88 5.98 3.19
C VAL D 345 7.30 7.33 2.78
N SER D 346 6.43 7.88 3.62
CA SER D 346 5.70 9.09 3.28
C SER D 346 6.09 10.29 4.13
N CYS D 347 6.34 10.11 5.43
CA CYS D 347 6.64 11.23 6.31
C CYS D 347 7.89 10.94 7.13
N LEU D 348 8.67 11.99 7.38
CA LEU D 348 9.94 11.87 8.10
C LEU D 348 10.18 13.15 8.88
N GLY D 349 10.46 13.00 10.18
CA GLY D 349 10.63 14.15 11.04
C GLY D 349 11.74 13.94 12.04
N VAL D 350 12.28 15.07 12.52
CA VAL D 350 13.37 15.08 13.49
C VAL D 350 12.96 15.99 14.64
N THR D 351 13.21 15.55 15.87
CA THR D 351 12.82 16.32 17.05
C THR D 351 13.59 17.63 17.11
N ASP D 352 13.03 18.58 17.86
CA ASP D 352 13.67 19.89 18.01
C ASP D 352 14.99 19.76 18.76
N ASP D 353 15.14 18.74 19.60
CA ASP D 353 16.36 18.50 20.32
C ASP D 353 17.40 17.74 19.51
N GLY D 354 17.03 17.28 18.31
CA GLY D 354 17.95 16.50 17.49
C GLY D 354 18.39 15.21 18.13
N MET D 355 17.50 14.50 18.80
CA MET D 355 17.86 13.30 19.54
C MET D 355 17.15 12.05 19.04
N ALA D 356 16.09 12.21 18.25
CA ALA D 356 15.36 11.07 17.71
C ALA D 356 14.84 11.42 16.33
N VAL D 357 14.50 10.38 15.57
CA VAL D 357 13.93 10.52 14.23
C VAL D 357 12.67 9.67 14.17
N ALA D 358 11.63 10.19 13.53
CA ALA D 358 10.38 9.46 13.36
C ALA D 358 10.09 9.30 11.88
N THR D 359 9.84 8.06 11.46
CA THR D 359 9.61 7.75 10.06
C THR D 359 8.30 6.98 9.91
N GLY D 360 7.34 7.57 9.20
CA GLY D 360 6.10 6.87 8.92
C GLY D 360 6.16 6.15 7.58
N SER D 361 5.10 5.38 7.31
CA SER D 361 5.04 4.61 6.08
C SER D 361 3.58 4.27 5.79
N TRP D 362 3.35 3.61 4.66
CA TRP D 362 2.02 3.19 4.24
C TRP D 362 1.61 1.85 4.85
N ASP D 363 2.31 1.40 5.88
CA ASP D 363 1.99 0.17 6.60
C ASP D 363 1.12 0.42 7.83
N SER D 364 0.77 1.67 8.11
CA SER D 364 0.14 2.06 9.37
C SER D 364 1.06 1.82 10.56
N PHE D 365 2.37 1.94 10.33
CA PHE D 365 3.37 1.74 11.36
C PHE D 365 4.23 3.00 11.48
N LEU D 366 4.44 3.46 12.70
CA LEU D 366 5.37 4.53 12.99
C LEU D 366 6.60 3.96 13.69
N LYS D 367 7.78 4.44 13.29
CA LYS D 367 9.04 3.93 13.82
C LYS D 367 9.88 5.09 14.33
N ILE D 368 10.51 4.88 15.48
CA ILE D 368 11.43 5.85 16.08
C ILE D 368 12.83 5.28 16.00
N TRP D 369 13.76 6.04 15.43
CA TRP D 369 15.14 5.65 15.27
C TRP D 369 16.02 6.60 16.07
N ASN D 370 17.03 6.04 16.75
CA ASN D 370 17.92 6.83 17.57
C ASN D 370 19.37 6.55 17.20
N ALA E 7 -6.68 36.09 -21.58
CA ALA E 7 -6.49 34.87 -20.81
C ALA E 7 -5.07 34.76 -20.28
N SER E 8 -4.11 34.66 -21.19
CA SER E 8 -2.71 34.53 -20.83
C SER E 8 -2.00 35.87 -20.71
N ILE E 9 -2.67 36.98 -21.00
CA ILE E 9 -2.02 38.29 -20.92
C ILE E 9 -1.72 38.67 -19.46
N ALA E 10 -2.62 38.33 -18.54
CA ALA E 10 -2.42 38.72 -17.14
C ALA E 10 -1.21 38.01 -16.55
N GLN E 11 -1.11 36.69 -16.75
CA GLN E 11 0.04 35.96 -16.24
C GLN E 11 1.33 36.39 -16.90
N ALA E 12 1.29 36.72 -18.20
CA ALA E 12 2.47 37.23 -18.87
C ALA E 12 2.93 38.55 -18.26
N ARG E 13 2.00 39.46 -17.99
CA ARG E 13 2.36 40.72 -17.35
C ARG E 13 2.94 40.48 -15.96
N LYS E 14 2.30 39.61 -15.18
CA LYS E 14 2.79 39.33 -13.84
C LYS E 14 4.20 38.75 -13.88
N LEU E 15 4.46 37.86 -14.83
CA LEU E 15 5.81 37.34 -15.03
C LEU E 15 6.78 38.45 -15.39
N VAL E 16 6.35 39.40 -16.23
CA VAL E 16 7.22 40.50 -16.63
C VAL E 16 7.62 41.34 -15.41
N GLU E 17 6.65 41.76 -14.60
CA GLU E 17 7.02 42.55 -13.43
C GLU E 17 7.80 41.73 -12.41
N GLN E 18 7.49 40.43 -12.27
CA GLN E 18 8.25 39.61 -11.35
C GLN E 18 9.72 39.52 -11.75
N LEU E 19 9.98 39.27 -13.04
CA LEU E 19 11.36 39.20 -13.51
C LEU E 19 12.04 40.56 -13.41
N LYS E 20 11.31 41.65 -13.69
CA LYS E 20 11.90 42.97 -13.58
C LYS E 20 12.30 43.28 -12.15
N MET E 21 11.45 42.95 -11.18
CA MET E 21 11.75 43.19 -9.77
C MET E 21 12.80 42.24 -9.21
N GLU E 22 12.93 41.05 -9.77
CA GLU E 22 13.94 40.11 -9.31
C GLU E 22 15.28 40.33 -10.01
N ALA E 23 15.30 41.13 -11.07
CA ALA E 23 16.56 41.39 -11.78
C ALA E 23 17.54 42.15 -10.90
N ASN E 24 17.07 43.14 -10.14
CA ASN E 24 17.94 43.98 -9.33
C ASN E 24 17.89 43.53 -7.86
N ILE E 25 18.80 42.62 -7.52
CA ILE E 25 18.95 42.11 -6.17
C ILE E 25 20.43 42.08 -5.82
N ASP E 26 20.70 42.13 -4.52
CA ASP E 26 22.07 42.01 -4.03
C ASP E 26 22.49 40.54 -4.05
N ARG E 27 23.67 40.27 -4.63
CA ARG E 27 24.14 38.90 -4.82
C ARG E 27 25.60 38.82 -4.39
N ILE E 28 25.86 38.06 -3.34
CA ILE E 28 27.21 37.91 -2.80
C ILE E 28 27.89 36.72 -3.49
N LYS E 29 29.21 36.68 -3.42
CA LYS E 29 29.98 35.62 -4.04
C LYS E 29 29.67 34.27 -3.38
N VAL E 30 29.91 33.20 -4.14
CA VAL E 30 29.60 31.85 -3.65
C VAL E 30 30.52 31.49 -2.48
N SER E 31 31.78 31.94 -2.53
CA SER E 31 32.74 31.57 -1.49
C SER E 31 32.30 32.06 -0.11
N LYS E 32 31.62 33.21 -0.07
CA LYS E 32 31.17 33.74 1.22
C LYS E 32 30.19 32.79 1.89
N ALA E 33 29.14 32.38 1.17
CA ALA E 33 28.19 31.42 1.73
C ALA E 33 28.84 30.07 1.97
N ALA E 34 29.77 29.67 1.10
CA ALA E 34 30.46 28.40 1.29
C ALA E 34 31.23 28.37 2.59
N ALA E 35 31.91 29.46 2.93
CA ALA E 35 32.63 29.53 4.21
C ALA E 35 31.67 29.69 5.39
N ASP E 36 30.57 30.44 5.20
CA ASP E 36 29.63 30.65 6.29
C ASP E 36 28.97 29.33 6.71
N LEU E 37 28.57 28.51 5.74
CA LEU E 37 27.95 27.22 6.06
C LEU E 37 28.92 26.32 6.81
N MET E 38 30.18 26.27 6.38
CA MET E 38 31.17 25.46 7.07
C MET E 38 31.40 25.97 8.49
N ALA E 39 31.48 27.30 8.66
CA ALA E 39 31.68 27.85 9.99
C ALA E 39 30.52 27.49 10.91
N TYR E 40 29.29 27.59 10.41
CA TYR E 40 28.14 27.21 11.22
C TYR E 40 28.18 25.72 11.57
N CYS E 41 28.53 24.87 10.60
CA CYS E 41 28.53 23.43 10.84
C CYS E 41 29.57 23.05 11.88
N GLU E 42 30.77 23.64 11.81
CA GLU E 42 31.81 23.30 12.79
C GLU E 42 31.54 23.95 14.14
N ALA E 43 30.86 25.10 14.15
CA ALA E 43 30.57 25.77 15.41
C ALA E 43 29.63 24.96 16.30
N HIS E 44 28.63 24.31 15.71
CA HIS E 44 27.63 23.56 16.47
C HIS E 44 27.79 22.05 16.33
N ALA E 45 28.97 21.58 15.94
CA ALA E 45 29.17 20.15 15.73
C ALA E 45 29.15 19.36 17.03
N LYS E 46 29.43 19.99 18.16
CA LYS E 46 29.52 19.29 19.44
C LYS E 46 28.15 19.04 20.08
N GLU E 47 27.08 19.60 19.54
CA GLU E 47 25.75 19.46 20.12
C GLU E 47 24.80 18.71 19.20
N ASP E 48 25.31 17.71 18.46
CA ASP E 48 24.49 16.88 17.60
C ASP E 48 24.53 15.44 18.08
N PRO E 49 23.52 14.97 18.82
CA PRO E 49 23.56 13.58 19.31
C PRO E 49 23.50 12.53 18.22
N LEU E 50 23.10 12.86 17.00
CA LEU E 50 23.09 11.87 15.93
C LEU E 50 24.46 11.67 15.31
N LEU E 51 25.28 12.73 15.22
CA LEU E 51 26.62 12.58 14.69
C LEU E 51 27.49 11.74 15.62
N THR E 52 27.51 12.09 16.91
CA THR E 52 28.22 11.32 17.91
C THR E 52 27.18 10.56 18.75
N PRO E 53 27.12 9.23 18.65
CA PRO E 53 26.06 8.50 19.35
C PRO E 53 26.09 8.76 20.85
N VAL E 54 24.90 8.94 21.42
CA VAL E 54 24.75 9.27 22.83
C VAL E 54 24.76 7.99 23.65
N PRO E 55 25.45 7.96 24.79
CA PRO E 55 25.44 6.75 25.62
C PRO E 55 24.07 6.50 26.24
N ALA E 56 23.87 5.24 26.64
CA ALA E 56 22.59 4.81 27.20
C ALA E 56 22.33 5.39 28.58
N SER E 57 23.32 6.01 29.22
CA SER E 57 23.11 6.56 30.56
C SER E 57 22.09 7.69 30.53
N GLU E 58 22.15 8.57 29.54
CA GLU E 58 21.21 9.67 29.40
C GLU E 58 20.25 9.49 28.24
N ASN E 59 20.26 8.33 27.60
CA ASN E 59 19.36 8.08 26.47
C ASN E 59 17.94 7.87 26.97
N PRO E 60 16.96 8.67 26.53
CA PRO E 60 15.58 8.46 26.95
C PRO E 60 14.87 7.33 26.22
N PHE E 61 15.48 6.76 25.18
CA PHE E 61 14.86 5.68 24.42
C PHE E 61 15.67 4.39 24.57
N ARG E 62 16.12 4.11 25.79
CA ARG E 62 16.91 2.91 26.06
C ARG E 62 16.11 1.64 25.81
#